data_1UXI
#
_entry.id   1UXI
#
_cell.length_a   149.383
_cell.length_b   149.383
_cell.length_c   113.866
_cell.angle_alpha   90.00
_cell.angle_beta   90.00
_cell.angle_gamma   90.00
#
_symmetry.space_group_name_H-M   'P 43 21 2'
#
loop_
_entity.id
_entity.type
_entity.pdbx_description
1 polymer 'MALATE DEHYDROGENASE'
2 non-polymer NICOTINAMIDE-ADENINE-DINUCLEOTIDE
3 non-polymer 'FUMARIC ACID'
4 non-polymer 'SODIUM ION'
5 water water
#
_entity_poly.entity_id   1
_entity_poly.type   'polypeptide(L)'
_entity_poly.pdbx_seq_one_letter_code
;MRKKISIIGAGFVGSTTAHWLAAKELGDIVLLDIVEGVPQGKALDLYEASPIEGFDVRVTGTNNYADTANSDVIVVTSGA
PRKPGMSREDLIKVNADITRACISQAAPLSPNAVIIMVNNPLDAMTYLAAEVSGFPKERVIGQAGVLDAARYRTFIAMEA
GVSVKDVQAMLMGGHGDEMVPLPRFSTISGIPVSEFIAPDRLAQIVERTRKGGGEIVNLLKTGSAYYAPAAATAQMVEAV
LKDKKRVMPVAAYLTGQYGLNDIYFGVPVILGAGGVEKILELPLNEEEMALLNASAKAVRATLDTLKSL
;
_entity_poly.pdbx_strand_id   A,B
#
loop_
_chem_comp.id
_chem_comp.type
_chem_comp.name
_chem_comp.formula
FUM non-polymer 'FUMARIC ACID' 'C4 H4 O4'
NA non-polymer 'SODIUM ION' 'Na 1'
NAD non-polymer NICOTINAMIDE-ADENINE-DINUCLEOTIDE 'C21 H27 N7 O14 P2'
#
# COMPACT_ATOMS: atom_id res chain seq x y z
N ARG A 2 -6.97 -19.05 -13.59
CA ARG A 2 -7.09 -17.83 -12.72
C ARG A 2 -7.61 -16.63 -13.49
N LYS A 3 -8.26 -15.71 -12.79
CA LYS A 3 -8.76 -14.50 -13.41
C LYS A 3 -7.55 -13.63 -13.71
N LYS A 4 -7.72 -12.65 -14.59
CA LYS A 4 -6.62 -11.76 -14.94
C LYS A 4 -7.07 -10.30 -14.83
N ILE A 5 -6.27 -9.49 -14.15
CA ILE A 5 -6.56 -8.09 -13.95
C ILE A 5 -5.39 -7.23 -14.42
N SER A 6 -5.63 -6.33 -15.36
CA SER A 6 -4.56 -5.46 -15.84
C SER A 6 -4.80 -4.05 -15.32
N ILE A 7 -3.74 -3.45 -14.81
CA ILE A 7 -3.81 -2.11 -14.26
C ILE A 7 -2.95 -1.20 -15.11
N ILE A 8 -3.60 -0.39 -15.94
CA ILE A 8 -2.89 0.53 -16.81
C ILE A 8 -2.55 1.80 -16.07
N GLY A 9 -1.26 1.99 -15.78
CA GLY A 9 -0.82 3.15 -15.04
C GLY A 9 -0.42 2.63 -13.67
N ALA A 10 0.89 2.46 -13.47
CA ALA A 10 1.42 1.94 -12.22
C ALA A 10 1.96 3.05 -11.32
N GLY A 11 1.12 4.05 -11.08
CA GLY A 11 1.51 5.14 -10.22
C GLY A 11 0.93 4.84 -8.84
N PHE A 12 0.74 5.88 -8.04
CA PHE A 12 0.21 5.70 -6.69
C PHE A 12 -1.07 4.90 -6.64
N VAL A 13 -2.09 5.29 -7.41
CA VAL A 13 -3.35 4.56 -7.38
C VAL A 13 -3.29 3.17 -7.95
N GLY A 14 -2.61 3.02 -9.08
CA GLY A 14 -2.52 1.70 -9.68
C GLY A 14 -1.74 0.71 -8.82
N SER A 15 -0.60 1.14 -8.30
CA SER A 15 0.23 0.26 -7.48
C SER A 15 -0.52 -0.11 -6.19
N THR A 16 -1.04 0.90 -5.50
CA THR A 16 -1.80 0.65 -4.29
C THR A 16 -2.96 -0.26 -4.58
N THR A 17 -3.53 -0.15 -5.79
CA THR A 17 -4.66 -1.00 -6.16
C THR A 17 -4.21 -2.44 -6.30
N ALA A 18 -2.98 -2.63 -6.78
CA ALA A 18 -2.45 -3.98 -6.93
C ALA A 18 -2.23 -4.54 -5.52
N HIS A 19 -1.74 -3.69 -4.61
CA HIS A 19 -1.51 -4.08 -3.21
C HIS A 19 -2.79 -4.64 -2.58
N TRP A 20 -3.86 -3.85 -2.56
CA TRP A 20 -5.14 -4.30 -1.97
C TRP A 20 -5.57 -5.59 -2.64
N LEU A 21 -5.45 -5.63 -3.96
CA LEU A 21 -5.84 -6.78 -4.76
C LEU A 21 -5.04 -8.04 -4.45
N ALA A 22 -3.71 -7.91 -4.39
CA ALA A 22 -2.86 -9.05 -4.11
C ALA A 22 -3.34 -9.75 -2.83
N ALA A 23 -3.47 -8.98 -1.77
CA ALA A 23 -3.91 -9.50 -0.48
C ALA A 23 -5.20 -10.29 -0.60
N LYS A 24 -6.01 -9.98 -1.60
CA LYS A 24 -7.29 -10.67 -1.79
C LYS A 24 -7.21 -11.94 -2.62
N GLU A 25 -6.05 -12.22 -3.22
CA GLU A 25 -5.88 -13.42 -4.05
C GLU A 25 -7.00 -13.61 -5.06
N LEU A 26 -7.36 -12.54 -5.78
CA LEU A 26 -8.43 -12.62 -6.76
C LEU A 26 -7.97 -13.20 -8.11
N GLY A 27 -6.67 -13.12 -8.37
CA GLY A 27 -6.13 -13.64 -9.62
C GLY A 27 -4.83 -12.94 -10.00
N ASP A 28 -4.36 -13.20 -11.22
CA ASP A 28 -3.12 -12.58 -11.70
C ASP A 28 -3.30 -11.08 -11.94
N ILE A 29 -2.25 -10.33 -11.63
CA ILE A 29 -2.26 -8.90 -11.78
C ILE A 29 -1.11 -8.42 -12.68
N VAL A 30 -1.46 -7.64 -13.70
CA VAL A 30 -0.46 -7.09 -14.61
C VAL A 30 -0.40 -5.58 -14.46
N LEU A 31 0.74 -5.07 -14.02
CA LEU A 31 0.90 -3.63 -13.87
C LEU A 31 1.60 -3.14 -15.13
N LEU A 32 0.95 -2.23 -15.85
CA LEU A 32 1.53 -1.68 -17.06
C LEU A 32 1.74 -0.18 -16.90
N ASP A 33 2.77 0.34 -17.56
CA ASP A 33 3.09 1.76 -17.51
C ASP A 33 3.90 2.13 -18.76
N ILE A 34 4.07 3.43 -18.98
CA ILE A 34 4.86 3.90 -20.13
C ILE A 34 6.31 3.99 -19.72
N VAL A 35 6.54 4.33 -18.46
CA VAL A 35 7.91 4.44 -17.97
C VAL A 35 8.42 3.04 -17.72
N GLU A 36 9.53 2.69 -18.34
CA GLU A 36 10.08 1.35 -18.14
C GLU A 36 10.74 1.23 -16.77
N GLY A 37 10.63 0.05 -16.18
CA GLY A 37 11.21 -0.18 -14.87
C GLY A 37 10.22 0.05 -13.74
N VAL A 38 9.48 1.16 -13.80
CA VAL A 38 8.49 1.48 -12.78
C VAL A 38 7.54 0.33 -12.47
N PRO A 39 6.79 -0.15 -13.47
CA PRO A 39 5.87 -1.25 -13.18
C PRO A 39 6.57 -2.56 -12.84
N GLN A 40 7.77 -2.77 -13.39
CA GLN A 40 8.52 -3.98 -13.11
C GLN A 40 8.97 -4.02 -11.65
N GLY A 41 9.56 -2.93 -11.19
CA GLY A 41 10.04 -2.84 -9.82
C GLY A 41 8.94 -2.98 -8.79
N LYS A 42 7.85 -2.21 -8.96
CA LYS A 42 6.73 -2.27 -8.03
C LYS A 42 6.11 -3.66 -7.98
N ALA A 43 5.98 -4.31 -9.14
CA ALA A 43 5.39 -5.64 -9.18
C ALA A 43 6.28 -6.69 -8.50
N LEU A 44 7.60 -6.54 -8.64
CA LEU A 44 8.55 -7.48 -8.05
C LEU A 44 8.56 -7.27 -6.55
N ASP A 45 8.65 -6.00 -6.15
CA ASP A 45 8.67 -5.60 -4.76
C ASP A 45 7.46 -6.18 -4.04
N LEU A 46 6.29 -5.99 -4.64
CA LEU A 46 5.03 -6.49 -4.07
C LEU A 46 5.03 -8.02 -4.09
N TYR A 47 5.58 -8.60 -5.15
CA TYR A 47 5.63 -10.04 -5.25
C TYR A 47 6.53 -10.65 -4.16
N GLU A 48 7.58 -9.94 -3.79
CA GLU A 48 8.51 -10.42 -2.78
C GLU A 48 7.89 -10.31 -1.37
N ALA A 49 6.72 -9.69 -1.27
CA ALA A 49 6.05 -9.56 0.01
C ALA A 49 5.14 -10.76 0.24
N SER A 50 4.84 -11.50 -0.82
CA SER A 50 3.95 -12.65 -0.73
C SER A 50 4.30 -13.71 0.32
N PRO A 51 5.59 -13.98 0.54
CA PRO A 51 5.88 -14.99 1.56
C PRO A 51 5.53 -14.46 2.96
N ILE A 52 5.83 -13.19 3.19
CA ILE A 52 5.55 -12.56 4.47
C ILE A 52 4.05 -12.54 4.76
N GLU A 53 3.27 -12.03 3.82
CA GLU A 53 1.83 -11.95 3.98
C GLU A 53 1.09 -13.26 3.70
N GLY A 54 1.73 -14.19 3.02
CA GLY A 54 1.10 -15.46 2.76
C GLY A 54 0.13 -15.63 1.61
N PHE A 55 0.11 -14.71 0.65
CA PHE A 55 -0.80 -14.86 -0.48
C PHE A 55 -0.11 -15.35 -1.76
N ASP A 56 -0.81 -16.18 -2.53
CA ASP A 56 -0.31 -16.73 -3.79
C ASP A 56 -0.80 -15.85 -4.92
N VAL A 57 -0.04 -14.81 -5.26
CA VAL A 57 -0.47 -13.94 -6.35
C VAL A 57 0.64 -13.64 -7.35
N ARG A 58 0.31 -13.78 -8.63
CA ARG A 58 1.26 -13.49 -9.70
C ARG A 58 1.12 -12.02 -10.07
N VAL A 59 2.10 -11.21 -9.68
CA VAL A 59 2.09 -9.78 -9.98
C VAL A 59 3.26 -9.46 -10.90
N THR A 60 2.96 -9.06 -12.14
CA THR A 60 3.99 -8.74 -13.10
C THR A 60 3.92 -7.30 -13.59
N GLY A 61 5.10 -6.71 -13.85
CA GLY A 61 5.18 -5.35 -14.34
C GLY A 61 5.53 -5.37 -15.83
N THR A 62 4.99 -4.44 -16.61
CA THR A 62 5.26 -4.42 -18.04
C THR A 62 5.08 -3.07 -18.72
N ASN A 63 5.60 -2.97 -19.93
CA ASN A 63 5.49 -1.75 -20.73
C ASN A 63 4.85 -2.12 -22.06
N ASN A 64 4.45 -3.39 -22.17
CA ASN A 64 3.85 -3.87 -23.39
C ASN A 64 2.42 -4.34 -23.23
N TYR A 65 1.50 -3.59 -23.85
CA TYR A 65 0.08 -3.87 -23.80
C TYR A 65 -0.25 -5.31 -24.17
N ALA A 66 0.65 -5.93 -24.93
CA ALA A 66 0.42 -7.30 -25.34
C ALA A 66 0.26 -8.20 -24.11
N ASP A 67 0.93 -7.83 -23.02
CA ASP A 67 0.85 -8.62 -21.78
C ASP A 67 -0.51 -8.52 -21.10
N THR A 68 -1.31 -7.52 -21.48
CA THR A 68 -2.63 -7.33 -20.87
C THR A 68 -3.74 -8.08 -21.60
N ALA A 69 -3.38 -8.83 -22.63
CA ALA A 69 -4.38 -9.55 -23.42
C ALA A 69 -5.24 -10.53 -22.61
N ASN A 70 -6.50 -10.65 -23.00
CA ASN A 70 -7.45 -11.54 -22.37
C ASN A 70 -7.74 -11.27 -20.90
N SER A 71 -7.61 -10.03 -20.48
CA SER A 71 -7.90 -9.67 -19.09
C SER A 71 -9.40 -9.74 -18.84
N ASP A 72 -9.79 -10.07 -17.62
CA ASP A 72 -11.20 -10.14 -17.25
C ASP A 72 -11.66 -8.75 -16.82
N VAL A 73 -10.71 -7.98 -16.31
CA VAL A 73 -10.98 -6.62 -15.86
C VAL A 73 -9.79 -5.74 -16.17
N ILE A 74 -10.07 -4.49 -16.54
CA ILE A 74 -9.01 -3.54 -16.84
C ILE A 74 -9.21 -2.29 -15.99
N VAL A 75 -8.23 -1.99 -15.15
CA VAL A 75 -8.29 -0.81 -14.31
C VAL A 75 -7.43 0.24 -14.97
N VAL A 76 -7.98 1.44 -15.15
CA VAL A 76 -7.23 2.50 -15.79
C VAL A 76 -6.89 3.58 -14.80
N THR A 77 -5.60 3.67 -14.48
CA THR A 77 -5.09 4.63 -13.52
C THR A 77 -3.85 5.35 -14.05
N SER A 78 -3.85 5.56 -15.36
CA SER A 78 -2.74 6.21 -16.06
C SER A 78 -2.80 7.73 -16.10
N GLY A 79 -3.93 8.29 -15.70
CA GLY A 79 -4.09 9.73 -15.74
C GLY A 79 -3.15 10.50 -14.85
N ALA A 80 -2.91 11.77 -15.20
CA ALA A 80 -2.06 12.63 -14.40
C ALA A 80 -2.91 13.10 -13.21
N PRO A 81 -2.30 13.25 -12.04
CA PRO A 81 -3.01 13.70 -10.84
C PRO A 81 -2.91 15.21 -10.70
N ARG A 82 -3.89 15.82 -10.03
CA ARG A 82 -3.89 17.26 -9.86
C ARG A 82 -3.00 17.71 -8.71
N LYS A 83 -2.68 18.99 -8.69
CA LYS A 83 -1.87 19.58 -7.65
C LYS A 83 -2.74 20.59 -6.94
N PRO A 84 -2.30 21.09 -5.77
CA PRO A 84 -3.13 22.08 -5.06
C PRO A 84 -3.52 23.26 -5.94
N GLY A 85 -4.80 23.61 -5.92
CA GLY A 85 -5.28 24.72 -6.71
C GLY A 85 -6.06 24.30 -7.93
N MET A 86 -5.89 23.06 -8.36
CA MET A 86 -6.57 22.54 -9.54
C MET A 86 -7.86 21.81 -9.21
N SER A 87 -8.73 21.74 -10.21
CA SER A 87 -9.99 21.03 -10.08
C SER A 87 -9.71 19.78 -10.90
N ARG A 88 -10.54 18.75 -10.76
CA ARG A 88 -10.32 17.53 -11.51
C ARG A 88 -10.50 17.80 -13.01
N GLU A 89 -11.40 18.73 -13.33
CA GLU A 89 -11.70 19.11 -14.71
C GLU A 89 -10.47 19.69 -15.40
N ASP A 90 -9.63 20.36 -14.62
CA ASP A 90 -8.42 20.96 -15.15
C ASP A 90 -7.48 19.96 -15.81
N LEU A 91 -7.66 18.68 -15.52
CA LEU A 91 -6.81 17.61 -16.06
C LEU A 91 -7.35 17.00 -17.35
N ILE A 92 -8.52 17.47 -17.77
CA ILE A 92 -9.18 16.91 -18.94
C ILE A 92 -8.40 16.87 -20.27
N LYS A 93 -7.59 17.88 -20.55
CA LYS A 93 -6.83 17.88 -21.81
C LYS A 93 -5.78 16.77 -21.82
N VAL A 94 -4.90 16.79 -20.83
CA VAL A 94 -3.85 15.78 -20.72
C VAL A 94 -4.39 14.37 -20.56
N ASN A 95 -5.41 14.19 -19.72
CA ASN A 95 -5.93 12.86 -19.49
C ASN A 95 -6.82 12.30 -20.57
N ALA A 96 -7.41 13.17 -21.38
CA ALA A 96 -8.24 12.66 -22.47
C ALA A 96 -7.27 11.93 -23.43
N ASP A 97 -6.13 12.56 -23.68
CA ASP A 97 -5.12 11.97 -24.57
C ASP A 97 -4.63 10.64 -24.01
N ILE A 98 -4.12 10.69 -22.77
CA ILE A 98 -3.62 9.50 -22.11
C ILE A 98 -4.69 8.40 -22.15
N THR A 99 -5.89 8.74 -21.71
CA THR A 99 -6.98 7.77 -21.67
C THR A 99 -7.28 7.13 -23.02
N ARG A 100 -7.35 7.96 -24.06
CA ARG A 100 -7.61 7.46 -25.41
C ARG A 100 -6.50 6.47 -25.77
N ALA A 101 -5.26 6.88 -25.51
CA ALA A 101 -4.10 6.03 -25.81
C ALA A 101 -4.22 4.66 -25.13
N CYS A 102 -4.47 4.65 -23.82
CA CYS A 102 -4.57 3.40 -23.08
C CYS A 102 -5.73 2.52 -23.51
N ILE A 103 -6.90 3.11 -23.70
CA ILE A 103 -8.07 2.33 -24.11
C ILE A 103 -7.95 1.78 -25.52
N SER A 104 -7.50 2.61 -26.46
CA SER A 104 -7.37 2.16 -27.84
C SER A 104 -6.48 0.91 -27.94
N GLN A 105 -5.47 0.84 -27.08
CA GLN A 105 -4.55 -0.29 -27.10
C GLN A 105 -5.03 -1.52 -26.31
N ALA A 106 -5.53 -1.29 -25.10
CA ALA A 106 -5.97 -2.39 -24.25
C ALA A 106 -7.30 -3.03 -24.63
N ALA A 107 -8.30 -2.20 -24.87
CA ALA A 107 -9.64 -2.70 -25.19
C ALA A 107 -9.65 -3.80 -26.24
N PRO A 108 -9.00 -3.55 -27.38
CA PRO A 108 -8.97 -4.56 -28.45
C PRO A 108 -8.42 -5.90 -28.00
N LEU A 109 -7.46 -5.88 -27.08
CA LEU A 109 -6.83 -7.10 -26.58
C LEU A 109 -7.66 -7.87 -25.57
N SER A 110 -8.56 -7.19 -24.87
CA SER A 110 -9.40 -7.86 -23.88
C SER A 110 -10.85 -7.47 -24.15
N PRO A 111 -11.43 -8.04 -25.22
CA PRO A 111 -12.81 -7.80 -25.64
C PRO A 111 -13.91 -8.14 -24.66
N ASN A 112 -13.71 -9.14 -23.82
CA ASN A 112 -14.73 -9.53 -22.86
C ASN A 112 -14.55 -8.92 -21.48
N ALA A 113 -13.57 -8.03 -21.34
CA ALA A 113 -13.28 -7.42 -20.06
C ALA A 113 -14.25 -6.32 -19.64
N VAL A 114 -14.22 -6.03 -18.34
CA VAL A 114 -15.02 -4.97 -17.78
C VAL A 114 -13.96 -3.93 -17.52
N ILE A 115 -14.18 -2.72 -18.02
CA ILE A 115 -13.24 -1.65 -17.85
C ILE A 115 -13.68 -0.75 -16.70
N ILE A 116 -12.77 -0.50 -15.77
CA ILE A 116 -13.07 0.35 -14.64
C ILE A 116 -12.15 1.54 -14.69
N MET A 117 -12.73 2.69 -15.04
CA MET A 117 -11.96 3.92 -15.13
C MET A 117 -11.74 4.55 -13.77
N VAL A 118 -10.61 5.24 -13.64
CA VAL A 118 -10.28 5.93 -12.41
C VAL A 118 -9.79 7.32 -12.78
N ASN A 119 -9.04 7.42 -13.88
CA ASN A 119 -8.52 8.71 -14.36
C ASN A 119 -9.54 9.85 -14.22
N ASN A 120 -9.09 11.03 -13.78
CA ASN A 120 -9.97 12.18 -13.63
C ASN A 120 -9.82 13.13 -14.84
N PRO A 121 -10.89 13.88 -15.19
CA PRO A 121 -12.19 13.90 -14.52
C PRO A 121 -12.90 12.58 -14.80
N LEU A 122 -13.26 11.90 -13.73
CA LEU A 122 -13.86 10.57 -13.80
C LEU A 122 -15.04 10.30 -14.74
N ASP A 123 -16.09 11.09 -14.63
CA ASP A 123 -17.26 10.84 -15.46
C ASP A 123 -16.96 11.05 -16.96
N ALA A 124 -16.24 12.11 -17.28
CA ALA A 124 -15.89 12.36 -18.68
C ALA A 124 -14.99 11.24 -19.22
N MET A 125 -13.92 10.92 -18.47
CA MET A 125 -13.00 9.87 -18.89
C MET A 125 -13.68 8.53 -19.07
N THR A 126 -14.69 8.25 -18.25
CA THR A 126 -15.39 6.98 -18.36
C THR A 126 -16.23 6.99 -19.64
N TYR A 127 -16.76 8.14 -20.00
CA TYR A 127 -17.56 8.24 -21.22
C TYR A 127 -16.60 8.01 -22.40
N LEU A 128 -15.47 8.71 -22.36
CA LEU A 128 -14.45 8.60 -23.38
C LEU A 128 -14.04 7.14 -23.61
N ALA A 129 -13.84 6.41 -22.51
CA ALA A 129 -13.42 5.01 -22.59
C ALA A 129 -14.50 4.15 -23.21
N ALA A 130 -15.76 4.45 -22.93
CA ALA A 130 -16.83 3.67 -23.51
C ALA A 130 -16.85 3.95 -25.01
N GLU A 131 -16.54 5.20 -25.35
CA GLU A 131 -16.52 5.65 -26.74
C GLU A 131 -15.38 4.99 -27.51
N VAL A 132 -14.16 5.17 -27.05
CA VAL A 132 -12.99 4.59 -27.71
C VAL A 132 -13.00 3.07 -27.74
N SER A 133 -13.57 2.44 -26.72
CA SER A 133 -13.58 0.99 -26.67
C SER A 133 -14.72 0.35 -27.45
N GLY A 134 -15.87 1.02 -27.48
CA GLY A 134 -17.01 0.47 -28.19
C GLY A 134 -17.62 -0.70 -27.45
N PHE A 135 -17.19 -0.92 -26.21
CA PHE A 135 -17.71 -2.02 -25.39
C PHE A 135 -19.14 -1.72 -24.95
N PRO A 136 -19.92 -2.76 -24.62
CA PRO A 136 -21.30 -2.53 -24.18
C PRO A 136 -21.19 -1.59 -22.96
N LYS A 137 -22.03 -0.56 -22.91
CA LYS A 137 -21.98 0.42 -21.82
C LYS A 137 -21.94 -0.18 -20.41
N GLU A 138 -22.59 -1.31 -20.21
CA GLU A 138 -22.62 -1.97 -18.90
C GLU A 138 -21.25 -2.48 -18.47
N ARG A 139 -20.37 -2.73 -19.43
CA ARG A 139 -19.05 -3.25 -19.11
C ARG A 139 -18.00 -2.18 -19.04
N VAL A 140 -18.43 -0.94 -19.05
CA VAL A 140 -17.50 0.18 -18.92
C VAL A 140 -18.09 1.06 -17.82
N ILE A 141 -17.38 1.15 -16.69
CA ILE A 141 -17.84 1.93 -15.55
C ILE A 141 -16.73 2.74 -14.91
N GLY A 142 -17.09 3.75 -14.15
CA GLY A 142 -16.09 4.57 -13.50
C GLY A 142 -16.16 4.44 -11.99
N GLN A 143 -15.01 4.50 -11.34
CA GLN A 143 -14.93 4.41 -9.88
C GLN A 143 -14.91 5.82 -9.34
N ALA A 144 -15.89 6.12 -8.48
CA ALA A 144 -15.99 7.43 -7.87
C ALA A 144 -16.89 7.38 -6.63
N GLY A 145 -18.12 6.90 -6.81
CA GLY A 145 -19.08 6.82 -5.73
C GLY A 145 -18.58 6.11 -4.49
N VAL A 146 -17.99 4.92 -4.68
CA VAL A 146 -17.48 4.16 -3.56
C VAL A 146 -16.50 4.99 -2.75
N LEU A 147 -15.55 5.63 -3.42
CA LEU A 147 -14.59 6.47 -2.73
C LEU A 147 -15.28 7.64 -2.03
N ASP A 148 -16.13 8.35 -2.76
CA ASP A 148 -16.82 9.50 -2.19
C ASP A 148 -17.65 9.13 -0.97
N ALA A 149 -18.43 8.05 -1.09
CA ALA A 149 -19.27 7.59 0.00
C ALA A 149 -18.40 7.06 1.14
N ALA A 150 -17.17 6.63 0.83
CA ALA A 150 -16.26 6.12 1.85
C ALA A 150 -15.81 7.26 2.73
N ARG A 151 -15.44 8.39 2.11
CA ARG A 151 -15.02 9.54 2.87
C ARG A 151 -16.18 9.98 3.77
N TYR A 152 -17.38 9.97 3.20
CA TYR A 152 -18.60 10.37 3.89
C TYR A 152 -18.87 9.46 5.07
N ARG A 153 -18.85 8.15 4.83
CA ARG A 153 -19.07 7.18 5.90
C ARG A 153 -18.04 7.34 7.01
N THR A 154 -16.81 7.66 6.63
CA THR A 154 -15.75 7.85 7.60
C THR A 154 -16.05 9.04 8.51
N PHE A 155 -16.34 10.18 7.91
CA PHE A 155 -16.65 11.38 8.67
C PHE A 155 -17.83 11.15 9.62
N ILE A 156 -18.77 10.32 9.17
CA ILE A 156 -19.94 10.00 9.97
C ILE A 156 -19.54 9.15 11.19
N ALA A 157 -18.84 8.05 10.95
CA ALA A 157 -18.39 7.18 12.03
C ALA A 157 -17.61 8.00 13.05
N MET A 158 -16.70 8.84 12.57
CA MET A 158 -15.91 9.68 13.44
C MET A 158 -16.80 10.56 14.32
N GLU A 159 -17.78 11.18 13.68
CA GLU A 159 -18.71 12.07 14.37
C GLU A 159 -19.62 11.34 15.35
N ALA A 160 -20.18 10.21 14.92
CA ALA A 160 -21.08 9.44 15.76
C ALA A 160 -20.38 8.54 16.78
N GLY A 161 -19.06 8.48 16.74
CA GLY A 161 -18.31 7.64 17.66
C GLY A 161 -18.64 6.17 17.54
N VAL A 162 -18.83 5.69 16.30
CA VAL A 162 -19.14 4.29 16.06
C VAL A 162 -18.18 3.67 15.02
N SER A 163 -18.32 2.37 14.82
CA SER A 163 -17.49 1.63 13.88
C SER A 163 -17.93 1.82 12.42
N VAL A 164 -16.97 2.12 11.56
CA VAL A 164 -17.26 2.32 10.14
C VAL A 164 -17.96 1.09 9.56
N LYS A 165 -17.81 -0.05 10.23
CA LYS A 165 -18.42 -1.28 9.74
C LYS A 165 -19.94 -1.22 9.80
N ASP A 166 -20.48 -0.26 10.53
CA ASP A 166 -21.93 -0.17 10.64
C ASP A 166 -22.52 1.03 9.88
N VAL A 167 -21.66 1.79 9.21
CA VAL A 167 -22.14 2.95 8.47
C VAL A 167 -22.26 2.72 6.97
N GLN A 168 -23.48 2.90 6.46
CA GLN A 168 -23.77 2.78 5.03
C GLN A 168 -24.18 4.17 4.57
N ALA A 169 -23.94 4.48 3.31
CA ALA A 169 -24.33 5.79 2.79
C ALA A 169 -24.27 5.85 1.27
N MET A 170 -25.40 6.24 0.66
CA MET A 170 -25.45 6.36 -0.79
C MET A 170 -25.01 7.78 -1.15
N LEU A 171 -24.30 7.91 -2.27
CA LEU A 171 -23.78 9.20 -2.73
C LEU A 171 -23.91 9.17 -4.26
N MET A 172 -24.50 10.23 -4.82
CA MET A 172 -24.71 10.27 -6.27
C MET A 172 -24.09 11.46 -6.98
N GLY A 173 -24.15 11.41 -8.31
CA GLY A 173 -23.64 12.50 -9.11
C GLY A 173 -22.25 12.34 -9.69
N GLY A 174 -21.75 13.44 -10.26
CA GLY A 174 -20.45 13.44 -10.85
C GLY A 174 -19.37 13.52 -9.78
N HIS A 175 -18.21 12.96 -10.08
CA HIS A 175 -17.10 12.98 -9.14
C HIS A 175 -16.45 14.35 -9.15
N GLY A 176 -17.15 15.34 -8.60
CA GLY A 176 -16.63 16.69 -8.54
C GLY A 176 -17.25 17.45 -7.38
N ASP A 177 -17.03 18.76 -7.33
CA ASP A 177 -17.57 19.59 -6.26
C ASP A 177 -19.08 19.53 -6.13
N GLU A 178 -19.80 19.28 -7.23
CA GLU A 178 -21.26 19.23 -7.21
C GLU A 178 -21.78 17.87 -6.77
N MET A 179 -20.86 17.05 -6.28
CA MET A 179 -21.12 15.70 -5.78
C MET A 179 -22.33 15.72 -4.83
N VAL A 180 -23.18 14.69 -4.85
CA VAL A 180 -24.33 14.72 -3.97
C VAL A 180 -24.44 13.68 -2.85
N PRO A 181 -23.81 13.94 -1.70
CA PRO A 181 -23.96 12.93 -0.63
C PRO A 181 -25.44 12.97 -0.20
N LEU A 182 -26.02 11.82 0.10
CA LEU A 182 -27.44 11.77 0.48
C LEU A 182 -27.73 11.36 1.93
N PRO A 183 -27.73 12.34 2.84
CA PRO A 183 -28.00 12.04 4.25
C PRO A 183 -29.22 11.15 4.48
N ARG A 184 -30.31 11.42 3.75
CA ARG A 184 -31.54 10.66 3.88
C ARG A 184 -31.37 9.21 3.45
N PHE A 185 -30.30 8.94 2.73
CA PHE A 185 -30.04 7.58 2.26
C PHE A 185 -28.77 7.01 2.91
N SER A 186 -28.47 7.49 4.12
CA SER A 186 -27.32 7.00 4.87
C SER A 186 -27.76 6.56 6.27
N THR A 187 -27.41 5.31 6.61
CA THR A 187 -27.78 4.72 7.89
C THR A 187 -26.66 4.06 8.68
N ILE A 188 -26.87 3.94 9.99
CA ILE A 188 -25.94 3.29 10.89
C ILE A 188 -26.72 2.10 11.43
N SER A 189 -26.37 0.92 10.94
CA SER A 189 -27.03 -0.30 11.34
C SER A 189 -28.54 -0.19 11.07
N GLY A 190 -28.88 0.40 9.93
CA GLY A 190 -30.27 0.54 9.55
C GLY A 190 -30.99 1.75 10.14
N ILE A 191 -30.30 2.49 10.99
CA ILE A 191 -30.86 3.66 11.65
C ILE A 191 -30.40 4.94 10.95
N PRO A 192 -31.35 5.78 10.51
CA PRO A 192 -31.05 7.03 9.83
C PRO A 192 -29.94 7.80 10.55
N VAL A 193 -28.98 8.29 9.78
CA VAL A 193 -27.87 9.04 10.33
C VAL A 193 -28.31 10.29 11.08
N SER A 194 -29.46 10.83 10.70
CA SER A 194 -29.97 12.03 11.35
C SER A 194 -30.19 11.77 12.83
N GLU A 195 -30.41 10.51 13.18
CA GLU A 195 -30.62 10.13 14.57
C GLU A 195 -29.33 10.16 15.38
N PHE A 196 -28.20 10.38 14.72
CA PHE A 196 -26.91 10.43 15.42
C PHE A 196 -26.22 11.77 15.30
N ILE A 197 -26.44 12.46 14.20
CA ILE A 197 -25.77 13.74 14.01
C ILE A 197 -26.72 14.90 13.80
N ALA A 198 -26.42 16.02 14.44
CA ALA A 198 -27.23 17.23 14.33
C ALA A 198 -27.09 17.77 12.91
N PRO A 199 -28.17 18.37 12.37
CA PRO A 199 -28.20 18.93 11.02
C PRO A 199 -27.01 19.82 10.66
N ASP A 200 -26.67 20.76 11.54
CA ASP A 200 -25.55 21.66 11.27
C ASP A 200 -24.25 20.88 11.10
N ARG A 201 -24.05 19.90 11.95
CA ARG A 201 -22.85 19.08 11.91
C ARG A 201 -22.89 18.21 10.67
N LEU A 202 -24.05 17.62 10.40
CA LEU A 202 -24.21 16.76 9.24
C LEU A 202 -23.93 17.54 7.97
N ALA A 203 -24.29 18.82 7.98
CA ALA A 203 -24.08 19.68 6.82
C ALA A 203 -22.59 19.86 6.58
N GLN A 204 -21.84 20.12 7.64
CA GLN A 204 -20.39 20.29 7.52
C GLN A 204 -19.77 19.02 6.96
N ILE A 205 -20.34 17.88 7.34
CA ILE A 205 -19.85 16.59 6.87
C ILE A 205 -20.16 16.41 5.38
N VAL A 206 -21.36 16.80 4.97
CA VAL A 206 -21.74 16.70 3.56
C VAL A 206 -20.75 17.52 2.76
N GLU A 207 -20.42 18.70 3.27
CA GLU A 207 -19.49 19.60 2.63
C GLU A 207 -18.06 19.06 2.63
N ARG A 208 -17.64 18.46 3.73
CA ARG A 208 -16.29 17.92 3.80
C ARG A 208 -16.14 16.81 2.78
N THR A 209 -17.20 16.03 2.63
CA THR A 209 -17.22 14.92 1.69
C THR A 209 -16.97 15.44 0.27
N ARG A 210 -17.79 16.39 -0.17
CA ARG A 210 -17.65 16.96 -1.51
C ARG A 210 -16.25 17.49 -1.76
N LYS A 211 -15.65 18.08 -0.73
CA LYS A 211 -14.30 18.62 -0.86
C LYS A 211 -13.21 17.66 -0.38
N GLY A 212 -13.58 16.41 -0.12
CA GLY A 212 -12.62 15.42 0.37
C GLY A 212 -11.32 15.27 -0.40
N GLY A 213 -11.42 15.11 -1.71
CA GLY A 213 -10.23 14.96 -2.52
C GLY A 213 -9.27 16.12 -2.37
N GLY A 214 -9.80 17.34 -2.43
CA GLY A 214 -8.96 18.51 -2.31
C GLY A 214 -8.28 18.65 -0.96
N GLU A 215 -8.93 18.14 0.08
CA GLU A 215 -8.37 18.22 1.43
C GLU A 215 -7.05 17.46 1.46
N ILE A 216 -7.06 16.26 0.89
CA ILE A 216 -5.87 15.42 0.85
C ILE A 216 -4.80 16.05 -0.05
N VAL A 217 -5.21 16.49 -1.24
CA VAL A 217 -4.29 17.13 -2.17
C VAL A 217 -3.53 18.27 -1.50
N ASN A 218 -4.24 19.10 -0.74
CA ASN A 218 -3.60 20.22 -0.07
C ASN A 218 -2.64 19.78 1.05
N LEU A 219 -2.82 18.55 1.53
CA LEU A 219 -1.94 18.04 2.59
C LEU A 219 -0.70 17.42 1.94
N LEU A 220 -0.92 16.52 0.98
CA LEU A 220 0.18 15.86 0.28
C LEU A 220 1.03 16.87 -0.48
N LYS A 221 0.36 17.80 -1.17
CA LYS A 221 1.01 18.86 -1.93
C LYS A 221 1.64 18.45 -3.26
N THR A 222 2.14 17.21 -3.36
CA THR A 222 2.77 16.77 -4.59
C THR A 222 2.05 15.60 -5.23
N GLY A 223 0.83 15.34 -4.77
CA GLY A 223 0.06 14.25 -5.31
C GLY A 223 -1.33 14.26 -4.71
N SER A 224 -2.15 13.29 -5.08
CA SER A 224 -3.50 13.20 -4.55
C SER A 224 -3.72 11.85 -3.89
N ALA A 225 -4.87 11.68 -3.23
CA ALA A 225 -5.19 10.45 -2.52
C ALA A 225 -4.99 9.16 -3.31
N TYR A 226 -4.69 8.07 -2.61
CA TYR A 226 -4.54 6.78 -3.27
C TYR A 226 -4.97 5.56 -2.47
N TYR A 227 -4.84 5.61 -1.14
CA TYR A 227 -5.25 4.44 -0.36
C TYR A 227 -6.74 4.17 -0.50
N ALA A 228 -7.57 5.17 -0.20
CA ALA A 228 -9.02 4.98 -0.33
C ALA A 228 -9.39 4.75 -1.80
N PRO A 229 -8.85 5.56 -2.72
CA PRO A 229 -9.18 5.35 -4.14
C PRO A 229 -8.88 3.91 -4.55
N ALA A 230 -7.69 3.43 -4.20
CA ALA A 230 -7.29 2.06 -4.54
C ALA A 230 -8.24 1.06 -3.90
N ALA A 231 -8.55 1.27 -2.62
CA ALA A 231 -9.47 0.37 -1.93
C ALA A 231 -10.80 0.33 -2.68
N ALA A 232 -11.30 1.52 -3.03
CA ALA A 232 -12.56 1.62 -3.77
C ALA A 232 -12.48 0.83 -5.08
N THR A 233 -11.43 1.09 -5.85
CA THR A 233 -11.26 0.39 -7.13
C THR A 233 -11.23 -1.12 -6.91
N ALA A 234 -10.47 -1.55 -5.92
CA ALA A 234 -10.34 -2.98 -5.61
C ALA A 234 -11.69 -3.63 -5.31
N GLN A 235 -12.49 -2.97 -4.49
CA GLN A 235 -13.81 -3.51 -4.15
C GLN A 235 -14.63 -3.72 -5.41
N MET A 236 -14.52 -2.77 -6.34
CA MET A 236 -15.26 -2.91 -7.59
C MET A 236 -14.71 -4.09 -8.40
N VAL A 237 -13.39 -4.20 -8.47
CA VAL A 237 -12.79 -5.33 -9.19
C VAL A 237 -13.31 -6.62 -8.59
N GLU A 238 -13.29 -6.70 -7.27
CA GLU A 238 -13.77 -7.90 -6.58
C GLU A 238 -15.24 -8.19 -6.88
N ALA A 239 -16.06 -7.16 -6.86
CA ALA A 239 -17.49 -7.34 -7.13
C ALA A 239 -17.70 -8.01 -8.48
N VAL A 240 -16.90 -7.61 -9.47
CA VAL A 240 -17.02 -8.18 -10.81
C VAL A 240 -16.48 -9.61 -10.87
N LEU A 241 -15.22 -9.77 -10.46
CA LEU A 241 -14.58 -11.09 -10.49
C LEU A 241 -15.34 -12.14 -9.71
N LYS A 242 -15.86 -11.77 -8.55
CA LYS A 242 -16.61 -12.69 -7.70
C LYS A 242 -18.11 -12.69 -7.96
N ASP A 243 -18.57 -11.76 -8.80
CA ASP A 243 -20.00 -11.66 -9.11
C ASP A 243 -20.80 -11.53 -7.80
N LYS A 244 -20.35 -10.61 -6.95
CA LYS A 244 -20.96 -10.37 -5.64
C LYS A 244 -22.31 -9.66 -5.65
N LYS A 245 -22.59 -8.92 -6.71
CA LYS A 245 -23.84 -8.21 -6.81
C LYS A 245 -23.96 -7.23 -5.67
N ARG A 246 -22.93 -6.39 -5.57
CA ARG A 246 -22.86 -5.36 -4.55
C ARG A 246 -23.73 -4.19 -5.01
N VAL A 247 -24.32 -3.49 -4.05
CA VAL A 247 -25.12 -2.33 -4.36
C VAL A 247 -24.20 -1.19 -4.02
N MET A 248 -23.81 -0.43 -5.03
CA MET A 248 -22.91 0.67 -4.79
C MET A 248 -23.02 1.74 -5.85
N PRO A 249 -22.55 2.95 -5.53
CA PRO A 249 -22.59 4.05 -6.49
C PRO A 249 -21.36 3.99 -7.41
N VAL A 250 -21.59 3.96 -8.72
CA VAL A 250 -20.52 3.96 -9.71
C VAL A 250 -20.96 4.83 -10.91
N ALA A 251 -19.99 5.42 -11.60
CA ALA A 251 -20.31 6.23 -12.78
C ALA A 251 -20.79 5.26 -13.84
N ALA A 252 -22.09 5.26 -14.11
CA ALA A 252 -22.65 4.37 -15.11
C ALA A 252 -23.29 5.18 -16.26
N TYR A 253 -23.64 4.49 -17.35
CA TYR A 253 -24.23 5.15 -18.52
C TYR A 253 -25.75 5.22 -18.43
N LEU A 254 -26.26 6.45 -18.32
CA LEU A 254 -27.70 6.66 -18.19
C LEU A 254 -28.43 6.83 -19.51
N THR A 255 -29.59 6.19 -19.61
CA THR A 255 -30.42 6.26 -20.80
C THR A 255 -31.83 6.72 -20.43
N GLY A 256 -31.93 7.63 -19.48
CA GLY A 256 -33.23 8.11 -19.06
C GLY A 256 -33.47 8.10 -17.56
N GLN A 257 -32.69 7.30 -16.82
CA GLN A 257 -32.85 7.22 -15.38
C GLN A 257 -32.65 8.61 -14.81
N TYR A 258 -33.50 8.99 -13.85
CA TYR A 258 -33.43 10.30 -13.22
C TYR A 258 -33.60 11.40 -14.28
N GLY A 259 -34.20 11.03 -15.41
CA GLY A 259 -34.42 11.97 -16.49
C GLY A 259 -33.13 12.43 -17.15
N LEU A 260 -32.12 11.57 -17.14
CA LEU A 260 -30.83 11.89 -17.75
C LEU A 260 -30.52 10.90 -18.84
N ASN A 261 -30.01 11.41 -19.96
CA ASN A 261 -29.69 10.54 -21.08
C ASN A 261 -28.33 10.84 -21.67
N ASP A 262 -27.68 9.77 -22.13
CA ASP A 262 -26.38 9.83 -22.77
C ASP A 262 -25.27 10.54 -22.01
N ILE A 263 -25.00 10.05 -20.80
CA ILE A 263 -23.92 10.58 -19.97
C ILE A 263 -23.53 9.52 -18.95
N TYR A 264 -22.31 9.62 -18.43
CA TYR A 264 -21.86 8.70 -17.41
C TYR A 264 -22.08 9.51 -16.15
N PHE A 265 -22.79 8.94 -15.19
CA PHE A 265 -23.14 9.67 -13.96
C PHE A 265 -23.11 8.76 -12.72
N GLY A 266 -22.73 9.31 -11.59
CA GLY A 266 -22.69 8.53 -10.36
C GLY A 266 -24.08 8.18 -9.88
N VAL A 267 -24.44 6.91 -10.03
CA VAL A 267 -25.74 6.41 -9.63
C VAL A 267 -25.61 5.07 -8.92
N PRO A 268 -26.62 4.66 -8.14
CA PRO A 268 -26.54 3.38 -7.45
C PRO A 268 -26.83 2.25 -8.42
N VAL A 269 -26.03 1.18 -8.35
CA VAL A 269 -26.22 0.03 -9.23
C VAL A 269 -25.93 -1.28 -8.52
N ILE A 270 -26.31 -2.38 -9.16
CA ILE A 270 -26.03 -3.70 -8.65
C ILE A 270 -24.84 -4.15 -9.55
N LEU A 271 -23.64 -4.16 -8.98
CA LEU A 271 -22.42 -4.52 -9.69
C LEU A 271 -22.04 -5.99 -9.56
N GLY A 272 -21.96 -6.67 -10.71
CA GLY A 272 -21.60 -8.07 -10.72
C GLY A 272 -20.70 -8.46 -11.88
N ALA A 273 -20.78 -9.72 -12.29
CA ALA A 273 -19.96 -10.22 -13.39
C ALA A 273 -20.27 -9.53 -14.72
N GLY A 274 -21.49 -8.99 -14.86
CA GLY A 274 -21.84 -8.32 -16.10
C GLY A 274 -21.61 -6.82 -16.05
N GLY A 275 -20.88 -6.38 -15.03
CA GLY A 275 -20.63 -4.96 -14.87
C GLY A 275 -21.93 -4.44 -14.28
N VAL A 276 -22.35 -3.25 -14.71
CA VAL A 276 -23.61 -2.68 -14.21
C VAL A 276 -24.74 -3.61 -14.64
N GLU A 277 -25.27 -4.41 -13.71
CA GLU A 277 -26.35 -5.33 -14.03
C GLU A 277 -27.74 -4.72 -13.77
N LYS A 278 -27.75 -3.53 -13.18
CA LYS A 278 -29.00 -2.83 -12.89
C LYS A 278 -28.72 -1.47 -12.32
N ILE A 279 -29.45 -0.47 -12.79
CA ILE A 279 -29.30 0.88 -12.30
C ILE A 279 -30.55 1.16 -11.49
N LEU A 280 -30.35 1.49 -10.22
CA LEU A 280 -31.45 1.74 -9.31
C LEU A 280 -31.96 3.17 -9.43
N GLU A 281 -33.27 3.34 -9.53
CA GLU A 281 -33.83 4.68 -9.64
C GLU A 281 -34.50 5.01 -8.31
N LEU A 282 -33.80 5.81 -7.52
CA LEU A 282 -34.28 6.18 -6.19
C LEU A 282 -35.32 7.29 -6.21
N PRO A 283 -36.27 7.25 -5.26
CA PRO A 283 -37.31 8.27 -5.18
C PRO A 283 -36.77 9.53 -4.51
N LEU A 284 -35.85 10.21 -5.19
CA LEU A 284 -35.28 11.42 -4.65
C LEU A 284 -36.36 12.48 -4.57
N ASN A 285 -36.24 13.38 -3.60
CA ASN A 285 -37.22 14.44 -3.45
C ASN A 285 -36.72 15.66 -4.19
N GLU A 286 -37.53 16.73 -4.20
CA GLU A 286 -37.16 17.94 -4.92
C GLU A 286 -35.83 18.55 -4.55
N GLU A 287 -35.53 18.61 -3.26
CA GLU A 287 -34.28 19.18 -2.80
C GLU A 287 -33.12 18.32 -3.32
N GLU A 288 -33.33 17.01 -3.30
CA GLU A 288 -32.30 16.07 -3.75
C GLU A 288 -32.17 16.12 -5.27
N MET A 289 -33.30 16.22 -5.97
CA MET A 289 -33.27 16.29 -7.42
C MET A 289 -32.61 17.59 -7.87
N ALA A 290 -32.79 18.66 -7.12
CA ALA A 290 -32.17 19.92 -7.48
C ALA A 290 -30.65 19.76 -7.42
N LEU A 291 -30.16 19.07 -6.39
CA LEU A 291 -28.73 18.86 -6.23
C LEU A 291 -28.23 17.95 -7.35
N LEU A 292 -28.97 16.88 -7.62
CA LEU A 292 -28.60 15.96 -8.66
C LEU A 292 -28.50 16.67 -10.02
N ASN A 293 -29.56 17.39 -10.41
CA ASN A 293 -29.55 18.10 -11.68
C ASN A 293 -28.39 19.08 -11.78
N ALA A 294 -28.10 19.77 -10.67
CA ALA A 294 -27.00 20.70 -10.69
C ALA A 294 -25.70 19.94 -10.97
N SER A 295 -25.63 18.71 -10.49
CA SER A 295 -24.43 17.90 -10.70
C SER A 295 -24.37 17.43 -12.16
N ALA A 296 -25.50 16.97 -12.68
CA ALA A 296 -25.56 16.48 -14.06
C ALA A 296 -25.18 17.62 -15.02
N LYS A 297 -25.42 18.85 -14.59
CA LYS A 297 -25.09 20.04 -15.36
C LYS A 297 -23.57 20.21 -15.37
N ALA A 298 -22.96 20.02 -14.21
CA ALA A 298 -21.51 20.15 -14.10
C ALA A 298 -20.84 19.06 -14.95
N VAL A 299 -21.46 17.89 -14.98
CA VAL A 299 -20.94 16.77 -15.76
C VAL A 299 -21.08 17.03 -17.25
N ARG A 300 -22.28 17.38 -17.68
CA ARG A 300 -22.53 17.67 -19.09
C ARG A 300 -21.50 18.68 -19.57
N ALA A 301 -21.16 19.63 -18.70
CA ALA A 301 -20.17 20.65 -19.04
C ALA A 301 -18.79 20.04 -19.30
N THR A 302 -18.41 19.00 -18.57
CA THR A 302 -17.09 18.39 -18.80
C THR A 302 -17.18 17.63 -20.11
N LEU A 303 -18.35 17.06 -20.38
CA LEU A 303 -18.53 16.32 -21.61
C LEU A 303 -18.45 17.26 -22.82
N ASP A 304 -18.98 18.47 -22.69
CA ASP A 304 -18.89 19.39 -23.81
C ASP A 304 -17.44 19.81 -23.97
N THR A 305 -16.67 19.85 -22.89
CA THR A 305 -15.27 20.20 -22.99
C THR A 305 -14.58 19.05 -23.71
N LEU A 306 -14.96 17.84 -23.34
CA LEU A 306 -14.40 16.62 -23.91
C LEU A 306 -14.55 16.61 -25.43
N LYS A 307 -15.80 16.66 -25.89
CA LYS A 307 -16.10 16.64 -27.32
C LYS A 307 -15.36 17.77 -28.04
N SER A 308 -14.89 18.74 -27.26
CA SER A 308 -14.16 19.88 -27.80
C SER A 308 -12.66 19.64 -27.91
N LEU A 309 -12.20 18.46 -27.50
CA LEU A 309 -10.77 18.14 -27.53
C LEU A 309 -10.35 17.45 -28.83
N ARG B 2 -6.16 0.31 23.65
CA ARG B 2 -5.56 -0.22 22.39
C ARG B 2 -4.05 -0.01 22.33
N LYS B 3 -3.37 -0.89 21.60
CA LYS B 3 -1.92 -0.79 21.44
C LYS B 3 -1.62 0.47 20.63
N LYS B 4 -0.46 1.07 20.88
CA LYS B 4 -0.07 2.28 20.16
C LYS B 4 1.23 2.06 19.39
N ILE B 5 1.17 2.23 18.07
CA ILE B 5 2.32 2.06 17.19
C ILE B 5 2.68 3.37 16.53
N SER B 6 3.90 3.84 16.76
CA SER B 6 4.36 5.08 16.15
C SER B 6 5.35 4.77 15.03
N ILE B 7 5.09 5.33 13.85
CA ILE B 7 5.97 5.14 12.70
C ILE B 7 6.64 6.48 12.44
N ILE B 8 7.95 6.55 12.68
CA ILE B 8 8.71 7.78 12.49
C ILE B 8 9.28 7.83 11.08
N GLY B 9 8.71 8.71 10.26
CA GLY B 9 9.13 8.84 8.87
C GLY B 9 7.98 8.34 8.02
N ALA B 10 7.17 9.27 7.51
CA ALA B 10 6.01 8.90 6.72
C ALA B 10 6.28 8.82 5.23
N GLY B 11 7.41 8.23 4.87
CA GLY B 11 7.77 8.08 3.47
C GLY B 11 7.17 6.83 2.89
N PHE B 12 7.84 6.26 1.89
CA PHE B 12 7.34 5.05 1.24
C PHE B 12 7.21 3.84 2.15
N VAL B 13 8.29 3.53 2.89
CA VAL B 13 8.23 2.37 3.77
C VAL B 13 7.30 2.64 4.96
N GLY B 14 7.45 3.80 5.58
CA GLY B 14 6.61 4.15 6.72
C GLY B 14 5.11 4.09 6.41
N SER B 15 4.72 4.74 5.32
CA SER B 15 3.31 4.76 4.93
C SER B 15 2.81 3.36 4.58
N THR B 16 3.59 2.60 3.83
CA THR B 16 3.15 1.26 3.46
C THR B 16 3.06 0.36 4.69
N THR B 17 3.88 0.65 5.70
CA THR B 17 3.83 -0.17 6.92
C THR B 17 2.48 0.11 7.58
N ALA B 18 2.11 1.38 7.63
CA ALA B 18 0.81 1.75 8.22
C ALA B 18 -0.30 1.01 7.48
N HIS B 19 -0.15 0.88 6.17
CA HIS B 19 -1.16 0.20 5.36
C HIS B 19 -1.28 -1.28 5.74
N TRP B 20 -0.16 -1.99 5.72
CA TRP B 20 -0.18 -3.41 6.09
C TRP B 20 -0.73 -3.54 7.51
N LEU B 21 -0.30 -2.66 8.40
CA LEU B 21 -0.72 -2.68 9.80
C LEU B 21 -2.23 -2.43 9.97
N ALA B 22 -2.70 -1.32 9.43
CA ALA B 22 -4.11 -0.97 9.50
C ALA B 22 -5.01 -2.16 9.19
N ALA B 23 -4.67 -2.89 8.14
CA ALA B 23 -5.44 -4.05 7.72
C ALA B 23 -5.49 -5.16 8.76
N LYS B 24 -4.56 -5.13 9.71
CA LYS B 24 -4.50 -6.17 10.74
C LYS B 24 -5.19 -5.77 12.04
N GLU B 25 -5.62 -4.51 12.14
CA GLU B 25 -6.28 -4.01 13.36
C GLU B 25 -5.48 -4.36 14.60
N LEU B 26 -4.22 -3.94 14.64
CA LEU B 26 -3.35 -4.22 15.78
C LEU B 26 -3.35 -3.12 16.82
N GLY B 27 -3.89 -1.96 16.45
CA GLY B 27 -3.94 -0.85 17.39
C GLY B 27 -3.90 0.49 16.70
N ASP B 28 -3.79 1.56 17.50
CA ASP B 28 -3.72 2.89 16.94
C ASP B 28 -2.39 3.04 16.24
N ILE B 29 -2.39 3.77 15.13
CA ILE B 29 -1.19 4.00 14.35
C ILE B 29 -0.93 5.49 14.26
N VAL B 30 0.27 5.92 14.62
CA VAL B 30 0.63 7.32 14.54
C VAL B 30 1.76 7.49 13.52
N LEU B 31 1.49 8.24 12.45
CA LEU B 31 2.48 8.49 11.42
C LEU B 31 3.11 9.85 11.63
N LEU B 32 4.40 9.86 11.93
CA LEU B 32 5.09 11.11 12.17
C LEU B 32 6.11 11.41 11.07
N ASP B 33 6.26 12.69 10.76
CA ASP B 33 7.21 13.09 9.74
C ASP B 33 7.64 14.51 10.05
N ILE B 34 8.77 14.91 9.49
CA ILE B 34 9.28 16.24 9.71
C ILE B 34 8.66 17.21 8.69
N VAL B 35 8.04 16.66 7.65
CA VAL B 35 7.41 17.49 6.62
C VAL B 35 5.91 17.65 6.89
N GLU B 36 5.46 18.90 6.97
CA GLU B 36 4.05 19.18 7.24
C GLU B 36 3.14 18.70 6.14
N GLY B 37 1.98 18.18 6.53
CA GLY B 37 1.01 17.71 5.56
C GLY B 37 1.11 16.29 5.06
N VAL B 38 2.33 15.84 4.74
CA VAL B 38 2.49 14.48 4.22
C VAL B 38 1.94 13.39 5.13
N PRO B 39 2.30 13.39 6.43
CA PRO B 39 1.75 12.32 7.26
C PRO B 39 0.24 12.51 7.49
N GLN B 40 -0.18 13.75 7.70
CA GLN B 40 -1.61 14.02 7.91
C GLN B 40 -2.40 13.57 6.69
N GLY B 41 -1.87 13.86 5.51
CA GLY B 41 -2.56 13.46 4.29
C GLY B 41 -2.71 11.97 4.13
N LYS B 42 -1.59 11.26 4.26
CA LYS B 42 -1.59 9.81 4.11
C LYS B 42 -2.42 9.16 5.21
N ALA B 43 -2.33 9.69 6.42
CA ALA B 43 -3.10 9.14 7.55
C ALA B 43 -4.59 9.22 7.23
N LEU B 44 -5.05 10.41 6.87
CA LEU B 44 -6.46 10.64 6.56
C LEU B 44 -6.90 9.76 5.38
N ASP B 45 -6.09 9.71 4.34
CA ASP B 45 -6.41 8.91 3.17
C ASP B 45 -6.55 7.43 3.56
N LEU B 46 -5.60 6.91 4.35
CA LEU B 46 -5.70 5.51 4.76
C LEU B 46 -6.94 5.32 5.64
N TYR B 47 -7.20 6.31 6.48
CA TYR B 47 -8.37 6.25 7.37
C TYR B 47 -9.64 6.14 6.53
N GLU B 48 -9.74 6.97 5.49
CA GLU B 48 -10.92 6.96 4.65
C GLU B 48 -11.15 5.66 3.91
N ALA B 49 -10.13 4.80 3.83
CA ALA B 49 -10.33 3.53 3.16
C ALA B 49 -10.97 2.49 4.09
N SER B 50 -10.94 2.76 5.40
CA SER B 50 -11.48 1.80 6.37
C SER B 50 -12.92 1.31 6.16
N PRO B 51 -13.84 2.19 5.73
CA PRO B 51 -15.22 1.73 5.53
C PRO B 51 -15.32 0.73 4.40
N ILE B 52 -14.42 0.84 3.44
CA ILE B 52 -14.40 -0.04 2.27
C ILE B 52 -13.80 -1.39 2.65
N GLU B 53 -12.62 -1.36 3.24
CA GLU B 53 -11.95 -2.59 3.64
C GLU B 53 -12.60 -3.18 4.89
N GLY B 54 -13.29 -2.34 5.65
CA GLY B 54 -13.97 -2.80 6.84
C GLY B 54 -13.10 -3.06 8.05
N PHE B 55 -12.16 -2.16 8.32
CA PHE B 55 -11.30 -2.32 9.49
C PHE B 55 -11.37 -1.08 10.34
N ASP B 56 -11.42 -1.28 11.65
CA ASP B 56 -11.47 -0.18 12.60
C ASP B 56 -10.05 0.15 13.02
N VAL B 57 -9.58 1.34 12.66
CA VAL B 57 -8.24 1.75 13.03
C VAL B 57 -8.13 3.25 13.16
N ARG B 58 -7.44 3.70 14.20
CA ARG B 58 -7.25 5.13 14.40
C ARG B 58 -5.87 5.46 13.84
N VAL B 59 -5.85 6.00 12.63
CA VAL B 59 -4.60 6.39 11.98
C VAL B 59 -4.52 7.91 11.96
N THR B 60 -3.46 8.46 12.54
CA THR B 60 -3.31 9.90 12.56
C THR B 60 -1.91 10.29 12.11
N GLY B 61 -1.78 11.50 11.59
CA GLY B 61 -0.49 11.98 11.14
C GLY B 61 -0.10 13.18 11.98
N THR B 62 1.20 13.41 12.14
CA THR B 62 1.64 14.53 12.94
C THR B 62 3.08 14.92 12.66
N ASN B 63 3.46 16.09 13.15
CA ASN B 63 4.81 16.60 13.01
C ASN B 63 5.31 16.86 14.44
N ASN B 64 4.53 16.42 15.42
CA ASN B 64 4.89 16.61 16.82
C ASN B 64 5.19 15.27 17.51
N TYR B 65 6.43 15.12 17.97
CA TYR B 65 6.85 13.89 18.63
C TYR B 65 6.01 13.57 19.86
N ALA B 66 5.54 14.61 20.55
CA ALA B 66 4.72 14.42 21.74
C ALA B 66 3.58 13.43 21.45
N ASP B 67 3.11 13.42 20.19
CA ASP B 67 2.02 12.53 19.81
C ASP B 67 2.39 11.05 19.79
N THR B 68 3.68 10.74 19.95
CA THR B 68 4.14 9.36 19.92
C THR B 68 4.31 8.76 21.32
N ALA B 69 4.16 9.60 22.34
CA ALA B 69 4.31 9.17 23.73
C ALA B 69 3.58 7.89 24.08
N ASN B 70 4.21 7.11 24.96
CA ASN B 70 3.67 5.84 25.46
C ASN B 70 3.35 4.81 24.39
N SER B 71 4.12 4.80 23.31
CA SER B 71 3.88 3.83 22.25
C SER B 71 4.42 2.47 22.65
N ASP B 72 3.75 1.41 22.22
CA ASP B 72 4.19 0.06 22.50
C ASP B 72 5.34 -0.31 21.55
N VAL B 73 5.25 0.17 20.30
CA VAL B 73 6.27 -0.09 19.29
C VAL B 73 6.60 1.18 18.52
N ILE B 74 7.89 1.38 18.28
CA ILE B 74 8.34 2.53 17.51
C ILE B 74 9.08 2.01 16.28
N VAL B 75 8.55 2.34 15.10
CA VAL B 75 9.14 1.94 13.82
C VAL B 75 9.86 3.16 13.26
N VAL B 76 11.13 2.99 12.91
CA VAL B 76 11.93 4.11 12.37
C VAL B 76 12.24 3.94 10.88
N THR B 77 11.49 4.69 10.05
CA THR B 77 11.63 4.65 8.60
C THR B 77 11.77 6.07 8.10
N SER B 78 12.65 6.83 8.75
CA SER B 78 12.88 8.23 8.42
C SER B 78 14.15 8.49 7.63
N GLY B 79 14.95 7.44 7.42
CA GLY B 79 16.19 7.60 6.69
C GLY B 79 16.05 7.91 5.21
N ALA B 80 17.06 8.54 4.63
CA ALA B 80 17.03 8.85 3.21
C ALA B 80 17.31 7.55 2.46
N PRO B 81 16.55 7.29 1.38
CA PRO B 81 16.76 6.06 0.60
C PRO B 81 17.94 6.22 -0.36
N ARG B 82 18.37 5.13 -0.96
CA ARG B 82 19.50 5.17 -1.89
C ARG B 82 19.01 5.26 -3.34
N LYS B 83 19.86 5.81 -4.19
CA LYS B 83 19.58 5.95 -5.61
C LYS B 83 20.43 4.91 -6.33
N PRO B 84 20.09 4.54 -7.56
CA PRO B 84 20.89 3.54 -8.28
C PRO B 84 22.40 3.79 -8.28
N GLY B 85 23.17 2.70 -8.27
CA GLY B 85 24.61 2.81 -8.26
C GLY B 85 25.11 3.33 -6.93
N MET B 86 24.31 3.13 -5.90
CA MET B 86 24.66 3.60 -4.57
C MET B 86 24.64 2.40 -3.62
N SER B 87 25.38 2.51 -2.54
CA SER B 87 25.44 1.44 -1.55
C SER B 87 24.69 1.89 -0.30
N ARG B 88 24.13 0.94 0.44
CA ARG B 88 23.40 1.29 1.65
C ARG B 88 24.29 2.04 2.63
N GLU B 89 25.57 1.68 2.70
CA GLU B 89 26.49 2.34 3.62
C GLU B 89 26.74 3.78 3.21
N ASP B 90 26.56 4.07 1.93
CA ASP B 90 26.76 5.43 1.44
C ASP B 90 25.82 6.41 2.15
N LEU B 91 24.75 5.88 2.74
CA LEU B 91 23.76 6.68 3.44
C LEU B 91 24.11 6.94 4.90
N ILE B 92 25.08 6.20 5.43
CA ILE B 92 25.46 6.29 6.83
C ILE B 92 25.60 7.68 7.45
N LYS B 93 26.28 8.60 6.79
CA LYS B 93 26.45 9.93 7.38
C LYS B 93 25.13 10.68 7.54
N VAL B 94 24.34 10.73 6.49
CA VAL B 94 23.05 11.42 6.53
C VAL B 94 22.08 10.74 7.48
N ASN B 95 21.88 9.44 7.28
CA ASN B 95 20.95 8.69 8.09
C ASN B 95 21.35 8.53 9.55
N ALA B 96 22.63 8.75 9.85
CA ALA B 96 23.07 8.65 11.24
C ALA B 96 22.52 9.85 11.99
N ASP B 97 22.54 11.01 11.35
CA ASP B 97 22.01 12.22 11.98
C ASP B 97 20.50 12.14 12.12
N ILE B 98 19.84 11.69 11.05
CA ILE B 98 18.39 11.54 11.07
C ILE B 98 18.01 10.55 12.18
N THR B 99 18.68 9.40 12.17
CA THR B 99 18.43 8.37 13.16
C THR B 99 18.65 8.88 14.58
N ARG B 100 19.75 9.60 14.79
CA ARG B 100 20.03 10.12 16.12
C ARG B 100 18.93 11.09 16.53
N ALA B 101 18.52 11.95 15.59
CA ALA B 101 17.48 12.93 15.87
C ALA B 101 16.16 12.28 16.27
N CYS B 102 15.73 11.30 15.49
CA CYS B 102 14.47 10.61 15.77
C CYS B 102 14.47 9.84 17.08
N ILE B 103 15.53 9.08 17.33
CA ILE B 103 15.65 8.27 18.54
C ILE B 103 15.66 9.13 19.80
N SER B 104 16.56 10.10 19.84
CA SER B 104 16.67 10.98 21.00
C SER B 104 15.36 11.67 21.38
N GLN B 105 14.47 11.86 20.41
CA GLN B 105 13.19 12.51 20.70
C GLN B 105 12.10 11.52 20.99
N ALA B 106 12.10 10.39 20.28
CA ALA B 106 11.09 9.38 20.47
C ALA B 106 11.27 8.47 21.68
N ALA B 107 12.46 7.89 21.83
CA ALA B 107 12.76 6.97 22.92
C ALA B 107 12.28 7.42 24.30
N PRO B 108 12.70 8.61 24.74
CA PRO B 108 12.29 9.11 26.06
C PRO B 108 10.78 9.10 26.29
N LEU B 109 10.02 9.36 25.23
CA LEU B 109 8.56 9.41 25.33
C LEU B 109 7.88 8.06 25.41
N SER B 110 8.59 6.99 25.05
CA SER B 110 8.03 5.65 25.11
C SER B 110 9.09 4.67 25.63
N PRO B 111 9.50 4.85 26.90
CA PRO B 111 10.51 4.02 27.57
C PRO B 111 10.24 2.52 27.55
N ASN B 112 8.98 2.13 27.44
CA ASN B 112 8.63 0.70 27.43
C ASN B 112 8.44 0.16 26.02
N ALA B 113 8.78 0.97 25.03
CA ALA B 113 8.61 0.57 23.64
C ALA B 113 9.71 -0.31 23.08
N VAL B 114 9.34 -1.13 22.10
CA VAL B 114 10.29 -1.96 21.38
C VAL B 114 10.54 -1.13 20.12
N ILE B 115 11.80 -0.82 19.86
CA ILE B 115 12.17 -0.02 18.70
C ILE B 115 12.56 -0.94 17.55
N ILE B 116 11.89 -0.78 16.41
CA ILE B 116 12.21 -1.58 15.23
C ILE B 116 12.80 -0.65 14.19
N MET B 117 14.13 -0.72 14.03
CA MET B 117 14.84 0.13 13.08
C MET B 117 14.72 -0.39 11.66
N VAL B 118 14.60 0.53 10.71
CA VAL B 118 14.50 0.18 9.29
C VAL B 118 15.54 0.97 8.50
N ASN B 119 15.78 2.22 8.90
CA ASN B 119 16.75 3.07 8.22
C ASN B 119 18.03 2.31 7.86
N ASN B 120 18.59 2.61 6.68
CA ASN B 120 19.84 1.99 6.22
C ASN B 120 21.00 2.94 6.49
N PRO B 121 22.21 2.40 6.72
CA PRO B 121 22.54 0.98 6.74
C PRO B 121 21.93 0.38 8.01
N LEU B 122 21.06 -0.61 7.83
CA LEU B 122 20.33 -1.26 8.92
C LEU B 122 21.10 -1.61 10.19
N ASP B 123 22.05 -2.53 10.09
CA ASP B 123 22.81 -2.96 11.24
C ASP B 123 23.45 -1.81 12.01
N ALA B 124 24.12 -0.91 11.31
CA ALA B 124 24.77 0.22 11.96
C ALA B 124 23.77 1.20 12.58
N MET B 125 22.61 1.37 11.94
CA MET B 125 21.60 2.29 12.45
C MET B 125 20.92 1.70 13.68
N THR B 126 20.68 0.40 13.67
CA THR B 126 20.06 -0.25 14.82
C THR B 126 21.02 -0.08 16.00
N TYR B 127 22.31 -0.29 15.76
CA TYR B 127 23.33 -0.15 16.78
C TYR B 127 23.30 1.27 17.35
N LEU B 128 23.19 2.25 16.45
CA LEU B 128 23.14 3.65 16.86
C LEU B 128 21.88 3.94 17.67
N ALA B 129 20.79 3.24 17.34
CA ALA B 129 19.53 3.44 18.04
C ALA B 129 19.65 2.95 19.50
N ALA B 130 20.06 1.69 19.67
CA ALA B 130 20.24 1.13 21.00
C ALA B 130 21.13 2.06 21.80
N GLU B 131 22.15 2.56 21.13
CA GLU B 131 23.13 3.47 21.71
C GLU B 131 22.52 4.82 22.12
N VAL B 132 21.62 5.36 21.31
CA VAL B 132 21.02 6.65 21.63
C VAL B 132 19.83 6.54 22.59
N SER B 133 19.05 5.46 22.45
CA SER B 133 17.90 5.26 23.31
C SER B 133 18.27 4.78 24.71
N GLY B 134 19.36 4.04 24.80
CA GLY B 134 19.79 3.53 26.09
C GLY B 134 18.83 2.44 26.54
N PHE B 135 18.05 1.91 25.61
CA PHE B 135 17.08 0.87 25.88
C PHE B 135 17.75 -0.49 26.04
N PRO B 136 17.03 -1.44 26.63
CA PRO B 136 17.57 -2.78 26.81
C PRO B 136 17.82 -3.32 25.40
N LYS B 137 19.03 -3.80 25.15
CA LYS B 137 19.39 -4.32 23.83
C LYS B 137 18.32 -5.18 23.16
N GLU B 138 17.63 -6.01 23.93
CA GLU B 138 16.60 -6.87 23.36
C GLU B 138 15.34 -6.13 22.92
N ARG B 139 15.24 -4.84 23.26
CA ARG B 139 14.07 -4.06 22.85
C ARG B 139 14.40 -3.06 21.74
N VAL B 140 15.60 -3.21 21.16
CA VAL B 140 16.04 -2.38 20.04
C VAL B 140 16.54 -3.34 18.96
N ILE B 141 15.73 -3.52 17.93
CA ILE B 141 16.08 -4.43 16.85
C ILE B 141 15.89 -3.80 15.46
N GLY B 142 16.49 -4.43 14.44
CA GLY B 142 16.38 -3.89 13.10
C GLY B 142 15.74 -4.87 12.15
N GLN B 143 14.92 -4.36 11.24
CA GLN B 143 14.28 -5.22 10.26
C GLN B 143 15.27 -5.34 9.11
N ALA B 144 15.42 -6.56 8.59
CA ALA B 144 16.33 -6.82 7.48
C ALA B 144 16.19 -8.25 7.03
N GLY B 145 16.46 -9.18 7.93
CA GLY B 145 16.38 -10.60 7.60
C GLY B 145 15.04 -11.09 7.09
N VAL B 146 13.95 -10.59 7.67
CA VAL B 146 12.63 -11.02 7.24
C VAL B 146 12.46 -10.63 5.77
N LEU B 147 12.92 -9.44 5.40
CA LEU B 147 12.83 -8.97 4.00
C LEU B 147 13.74 -9.84 3.12
N ASP B 148 15.03 -9.87 3.46
CA ASP B 148 16.00 -10.66 2.70
C ASP B 148 15.51 -12.08 2.49
N ALA B 149 15.03 -12.72 3.55
CA ALA B 149 14.55 -14.08 3.45
C ALA B 149 13.27 -14.15 2.62
N ALA B 150 12.46 -13.09 2.65
CA ALA B 150 11.23 -13.09 1.85
C ALA B 150 11.62 -13.15 0.38
N ARG B 151 12.58 -12.31 -0.01
CA ARG B 151 13.04 -12.30 -1.40
C ARG B 151 13.54 -13.68 -1.76
N TYR B 152 14.43 -14.20 -0.92
CA TYR B 152 15.00 -15.53 -1.12
C TYR B 152 13.88 -16.58 -1.26
N ARG B 153 12.92 -16.56 -0.35
CA ARG B 153 11.81 -17.52 -0.42
C ARG B 153 10.96 -17.37 -1.69
N THR B 154 10.83 -16.13 -2.17
CA THR B 154 10.03 -15.87 -3.37
C THR B 154 10.75 -16.50 -4.57
N PHE B 155 12.03 -16.21 -4.70
CA PHE B 155 12.81 -16.76 -5.79
C PHE B 155 12.73 -18.28 -5.80
N ILE B 156 12.85 -18.93 -4.64
CA ILE B 156 12.80 -20.39 -4.64
C ILE B 156 11.39 -20.90 -4.96
N ALA B 157 10.37 -20.18 -4.50
CA ALA B 157 9.00 -20.60 -4.79
C ALA B 157 8.80 -20.51 -6.30
N MET B 158 9.26 -19.41 -6.88
CA MET B 158 9.15 -19.20 -8.33
C MET B 158 9.87 -20.33 -9.06
N GLU B 159 11.14 -20.49 -8.75
CA GLU B 159 11.99 -21.51 -9.37
C GLU B 159 11.40 -22.91 -9.24
N ALA B 160 10.97 -23.28 -8.04
CA ALA B 160 10.43 -24.62 -7.79
C ALA B 160 9.00 -24.82 -8.30
N GLY B 161 8.28 -23.72 -8.50
CA GLY B 161 6.90 -23.83 -8.96
C GLY B 161 5.96 -24.30 -7.86
N VAL B 162 6.13 -23.74 -6.66
CA VAL B 162 5.27 -24.10 -5.53
C VAL B 162 4.81 -22.85 -4.78
N SER B 163 3.76 -23.00 -3.97
CA SER B 163 3.24 -21.88 -3.20
C SER B 163 4.29 -21.31 -2.26
N VAL B 164 4.33 -19.99 -2.12
CA VAL B 164 5.29 -19.37 -1.21
C VAL B 164 4.87 -19.68 0.23
N LYS B 165 3.70 -20.28 0.39
CA LYS B 165 3.18 -20.63 1.71
C LYS B 165 3.95 -21.78 2.34
N ASP B 166 4.41 -22.70 1.51
CA ASP B 166 5.14 -23.87 1.99
C ASP B 166 6.66 -23.70 1.95
N VAL B 167 7.11 -22.46 1.83
CA VAL B 167 8.54 -22.19 1.76
C VAL B 167 9.11 -21.39 2.91
N GLN B 168 10.07 -21.97 3.63
CA GLN B 168 10.73 -21.25 4.71
C GLN B 168 12.25 -21.30 4.49
N ALA B 169 12.93 -20.24 4.89
CA ALA B 169 14.39 -20.20 4.71
C ALA B 169 15.03 -19.21 5.66
N MET B 170 16.06 -19.65 6.35
CA MET B 170 16.76 -18.77 7.28
C MET B 170 17.84 -18.03 6.52
N LEU B 171 18.20 -16.85 7.01
CA LEU B 171 19.21 -16.02 6.35
C LEU B 171 19.82 -15.15 7.42
N MET B 172 21.15 -15.03 7.40
CA MET B 172 21.86 -14.25 8.41
C MET B 172 22.80 -13.19 7.87
N GLY B 173 23.40 -12.44 8.79
CA GLY B 173 24.36 -11.43 8.40
C GLY B 173 23.83 -10.01 8.35
N GLY B 174 24.73 -9.09 8.01
CA GLY B 174 24.34 -7.70 7.90
C GLY B 174 23.45 -7.55 6.69
N HIS B 175 22.64 -6.49 6.70
CA HIS B 175 21.74 -6.22 5.58
C HIS B 175 22.55 -5.55 4.47
N GLY B 176 23.34 -6.36 3.76
CA GLY B 176 24.17 -5.84 2.69
C GLY B 176 24.57 -6.90 1.69
N ASP B 177 25.53 -6.58 0.84
CA ASP B 177 25.99 -7.51 -0.17
C ASP B 177 26.56 -8.79 0.46
N GLU B 178 27.25 -8.66 1.59
CA GLU B 178 27.84 -9.80 2.29
C GLU B 178 26.79 -10.69 2.97
N MET B 179 25.54 -10.32 2.76
CA MET B 179 24.38 -11.05 3.29
C MET B 179 24.60 -12.56 3.12
N VAL B 180 24.00 -13.37 3.99
CA VAL B 180 24.20 -14.82 3.89
C VAL B 180 22.98 -15.74 3.91
N PRO B 181 22.33 -15.94 2.75
CA PRO B 181 21.19 -16.86 2.81
C PRO B 181 21.74 -18.25 3.13
N LEU B 182 20.93 -19.13 3.72
CA LEU B 182 21.39 -20.46 4.10
C LEU B 182 20.59 -21.58 3.47
N PRO B 183 21.00 -22.04 2.28
CA PRO B 183 20.30 -23.12 1.59
C PRO B 183 20.12 -24.36 2.45
N ARG B 184 21.10 -24.64 3.31
CA ARG B 184 21.02 -25.81 4.17
C ARG B 184 19.87 -25.65 5.16
N PHE B 185 19.57 -24.39 5.49
CA PHE B 185 18.49 -24.07 6.41
C PHE B 185 17.31 -23.48 5.63
N SER B 186 16.92 -24.15 4.55
CA SER B 186 15.82 -23.73 3.70
C SER B 186 15.05 -24.99 3.35
N THR B 187 13.74 -24.95 3.51
CA THR B 187 12.93 -26.12 3.22
C THR B 187 11.58 -25.77 2.61
N ILE B 188 10.92 -26.78 2.07
CA ILE B 188 9.61 -26.66 1.45
C ILE B 188 8.81 -27.76 2.10
N SER B 189 7.89 -27.37 2.99
CA SER B 189 7.10 -28.35 3.72
C SER B 189 8.03 -29.35 4.40
N GLY B 190 9.11 -28.83 4.97
CA GLY B 190 10.06 -29.67 5.67
C GLY B 190 11.18 -30.28 4.83
N ILE B 191 10.99 -30.28 3.50
CA ILE B 191 11.98 -30.84 2.57
C ILE B 191 13.06 -29.84 2.16
N PRO B 192 14.35 -30.25 2.24
CA PRO B 192 15.44 -29.35 1.86
C PRO B 192 15.25 -28.82 0.42
N VAL B 193 15.49 -27.53 0.22
CA VAL B 193 15.32 -26.96 -1.12
C VAL B 193 16.29 -27.58 -2.11
N SER B 194 17.45 -28.01 -1.63
CA SER B 194 18.44 -28.63 -2.50
C SER B 194 17.81 -29.80 -3.25
N GLU B 195 16.70 -30.31 -2.72
CA GLU B 195 15.98 -31.41 -3.36
C GLU B 195 15.14 -30.90 -4.53
N PHE B 196 14.90 -29.60 -4.57
CA PHE B 196 14.09 -29.00 -5.62
C PHE B 196 14.87 -28.21 -6.65
N ILE B 197 15.93 -27.55 -6.21
CA ILE B 197 16.74 -26.70 -7.09
C ILE B 197 18.20 -27.12 -7.18
N ALA B 198 18.66 -27.35 -8.41
CA ALA B 198 20.04 -27.74 -8.67
C ALA B 198 20.96 -26.64 -8.16
N PRO B 199 22.20 -27.01 -7.75
CA PRO B 199 23.24 -26.13 -7.22
C PRO B 199 23.52 -24.84 -7.99
N ASP B 200 23.57 -24.93 -9.32
CA ASP B 200 23.85 -23.76 -10.15
C ASP B 200 22.72 -22.74 -10.10
N ARG B 201 21.49 -23.21 -10.20
CA ARG B 201 20.32 -22.33 -10.16
C ARG B 201 20.19 -21.75 -8.75
N LEU B 202 20.38 -22.60 -7.75
CA LEU B 202 20.29 -22.19 -6.35
C LEU B 202 21.31 -21.09 -6.05
N ALA B 203 22.51 -21.25 -6.60
CA ALA B 203 23.57 -20.27 -6.41
C ALA B 203 23.19 -18.94 -7.04
N GLN B 204 22.45 -18.99 -8.14
CA GLN B 204 22.01 -17.76 -8.79
C GLN B 204 20.98 -17.11 -7.87
N ILE B 205 20.05 -17.93 -7.39
CA ILE B 205 19.02 -17.44 -6.47
C ILE B 205 19.67 -16.77 -5.28
N VAL B 206 20.72 -17.39 -4.74
CA VAL B 206 21.44 -16.82 -3.61
C VAL B 206 22.00 -15.46 -3.95
N GLU B 207 22.62 -15.35 -5.13
CA GLU B 207 23.19 -14.09 -5.60
C GLU B 207 22.08 -13.06 -5.79
N ARG B 208 20.96 -13.49 -6.37
CA ARG B 208 19.86 -12.56 -6.60
C ARG B 208 19.35 -12.02 -5.26
N THR B 209 19.27 -12.90 -4.27
CA THR B 209 18.82 -12.50 -2.94
C THR B 209 19.73 -11.40 -2.40
N ARG B 210 21.04 -11.59 -2.51
CA ARG B 210 22.00 -10.61 -2.02
C ARG B 210 21.85 -9.25 -2.68
N LYS B 211 21.50 -9.26 -3.96
CA LYS B 211 21.34 -8.01 -4.72
C LYS B 211 19.88 -7.60 -4.88
N GLY B 212 18.98 -8.34 -4.24
CA GLY B 212 17.56 -8.07 -4.33
C GLY B 212 17.11 -6.63 -4.18
N GLY B 213 17.72 -5.90 -3.26
CA GLY B 213 17.35 -4.51 -3.04
C GLY B 213 17.84 -3.64 -4.18
N GLY B 214 19.07 -3.88 -4.62
CA GLY B 214 19.63 -3.10 -5.72
C GLY B 214 18.84 -3.35 -6.99
N GLU B 215 18.40 -4.59 -7.19
CA GLU B 215 17.63 -4.95 -8.36
C GLU B 215 16.41 -4.03 -8.48
N ILE B 216 15.70 -3.86 -7.38
CA ILE B 216 14.52 -3.00 -7.38
C ILE B 216 14.89 -1.52 -7.50
N VAL B 217 15.97 -1.11 -6.86
CA VAL B 217 16.40 0.28 -6.95
C VAL B 217 16.68 0.66 -8.41
N ASN B 218 17.32 -0.24 -9.15
CA ASN B 218 17.65 0.05 -10.54
C ASN B 218 16.41 0.20 -11.40
N LEU B 219 15.36 -0.54 -11.08
CA LEU B 219 14.11 -0.48 -11.82
C LEU B 219 13.35 0.81 -11.49
N LEU B 220 13.10 1.06 -10.21
CA LEU B 220 12.37 2.24 -9.79
C LEU B 220 13.10 3.54 -10.12
N LYS B 221 14.42 3.52 -10.06
CA LYS B 221 15.24 4.69 -10.39
C LYS B 221 15.13 5.85 -9.40
N THR B 222 13.92 6.16 -8.97
CA THR B 222 13.71 7.28 -8.05
C THR B 222 13.53 6.89 -6.59
N GLY B 223 13.61 5.60 -6.30
CA GLY B 223 13.45 5.16 -4.93
C GLY B 223 13.81 3.70 -4.72
N SER B 224 13.66 3.24 -3.48
CA SER B 224 13.95 1.86 -3.14
C SER B 224 12.67 1.12 -2.76
N ALA B 225 12.77 -0.20 -2.63
CA ALA B 225 11.62 -1.03 -2.31
C ALA B 225 10.85 -0.56 -1.07
N TYR B 226 9.58 -0.94 -1.00
CA TYR B 226 8.76 -0.57 0.16
C TYR B 226 7.64 -1.56 0.46
N TYR B 227 7.16 -2.27 -0.55
CA TYR B 227 6.09 -3.24 -0.30
C TYR B 227 6.58 -4.40 0.57
N ALA B 228 7.63 -5.08 0.13
CA ALA B 228 8.18 -6.21 0.90
C ALA B 228 8.73 -5.70 2.22
N PRO B 229 9.56 -4.66 2.19
CA PRO B 229 10.17 -4.07 3.38
C PRO B 229 9.12 -3.70 4.44
N ALA B 230 8.02 -3.10 3.99
CA ALA B 230 6.94 -2.69 4.89
C ALA B 230 6.22 -3.92 5.41
N ALA B 231 6.05 -4.92 4.56
CA ALA B 231 5.39 -6.14 4.99
C ALA B 231 6.22 -6.84 6.07
N ALA B 232 7.54 -6.79 5.93
CA ALA B 232 8.46 -7.42 6.89
C ALA B 232 8.37 -6.70 8.23
N THR B 233 8.45 -5.37 8.17
CA THR B 233 8.38 -4.55 9.37
C THR B 233 7.08 -4.81 10.12
N ALA B 234 5.97 -4.91 9.38
CA ALA B 234 4.67 -5.14 9.97
C ALA B 234 4.56 -6.52 10.60
N GLN B 235 5.25 -7.51 10.02
CA GLN B 235 5.20 -8.86 10.56
C GLN B 235 5.91 -8.89 11.91
N MET B 236 6.92 -8.04 12.05
CA MET B 236 7.69 -7.94 13.29
C MET B 236 6.87 -7.19 14.34
N VAL B 237 6.21 -6.10 13.92
CA VAL B 237 5.39 -5.34 14.84
C VAL B 237 4.32 -6.27 15.40
N GLU B 238 3.71 -7.05 14.52
CA GLU B 238 2.68 -7.99 14.93
C GLU B 238 3.24 -9.04 15.90
N ALA B 239 4.43 -9.55 15.60
CA ALA B 239 5.05 -10.56 16.46
C ALA B 239 5.15 -10.01 17.88
N VAL B 240 5.57 -8.76 17.99
CA VAL B 240 5.71 -8.11 19.28
C VAL B 240 4.36 -7.87 19.97
N LEU B 241 3.48 -7.10 19.31
CA LEU B 241 2.17 -6.79 19.87
C LEU B 241 1.31 -8.01 20.24
N LYS B 242 1.40 -9.08 19.46
CA LYS B 242 0.61 -10.27 19.77
C LYS B 242 1.46 -11.35 20.45
N ASP B 243 2.67 -10.98 20.85
CA ASP B 243 3.58 -11.92 21.52
C ASP B 243 3.49 -13.30 20.87
N LYS B 244 3.74 -13.35 19.56
CA LYS B 244 3.63 -14.59 18.81
C LYS B 244 4.79 -15.60 18.89
N LYS B 245 5.94 -15.15 19.39
CA LYS B 245 7.10 -16.04 19.49
C LYS B 245 7.42 -16.52 18.06
N ARG B 246 7.61 -15.59 17.14
CA ARG B 246 7.92 -15.95 15.76
C ARG B 246 9.42 -16.26 15.68
N VAL B 247 9.79 -17.26 14.89
CA VAL B 247 11.20 -17.58 14.70
C VAL B 247 11.61 -16.88 13.41
N MET B 248 12.38 -15.81 13.53
CA MET B 248 12.78 -15.06 12.36
C MET B 248 14.11 -14.36 12.55
N PRO B 249 14.78 -14.04 11.44
CA PRO B 249 16.07 -13.34 11.49
C PRO B 249 15.86 -11.84 11.60
N VAL B 250 16.56 -11.23 12.55
CA VAL B 250 16.48 -9.80 12.76
C VAL B 250 17.86 -9.35 13.17
N ALA B 251 18.09 -8.05 13.16
CA ALA B 251 19.39 -7.53 13.57
C ALA B 251 19.31 -7.42 15.09
N ALA B 252 20.03 -8.30 15.80
CA ALA B 252 20.03 -8.32 17.25
C ALA B 252 21.43 -8.10 17.80
N TYR B 253 21.51 -7.62 19.04
CA TYR B 253 22.79 -7.37 19.67
C TYR B 253 23.42 -8.69 20.11
N LEU B 254 24.65 -8.94 19.68
CA LEU B 254 25.33 -10.19 20.02
C LEU B 254 26.35 -10.00 21.13
N THR B 255 26.52 -11.04 21.96
CA THR B 255 27.47 -10.99 23.07
C THR B 255 28.36 -12.24 23.08
N GLY B 256 28.55 -12.83 21.91
CA GLY B 256 29.38 -14.02 21.80
C GLY B 256 28.81 -15.05 20.86
N GLN B 257 27.52 -14.96 20.58
CA GLN B 257 26.90 -15.92 19.67
C GLN B 257 27.69 -15.92 18.35
N TYR B 258 27.79 -17.09 17.72
CA TYR B 258 28.52 -17.24 16.45
C TYR B 258 29.96 -16.72 16.53
N GLY B 259 30.41 -16.42 17.74
CA GLY B 259 31.76 -15.92 17.94
C GLY B 259 31.86 -14.44 17.71
N LEU B 260 30.72 -13.75 17.72
CA LEU B 260 30.69 -12.31 17.49
C LEU B 260 30.24 -11.56 18.74
N ASN B 261 30.88 -10.42 19.00
CA ASN B 261 30.53 -9.63 20.17
C ASN B 261 30.42 -8.13 19.90
N ASP B 262 29.54 -7.47 20.66
CA ASP B 262 29.33 -6.03 20.55
C ASP B 262 29.05 -5.60 19.11
N ILE B 263 27.94 -6.08 18.56
CA ILE B 263 27.59 -5.77 17.20
C ILE B 263 26.14 -6.16 16.92
N TYR B 264 25.45 -5.39 16.11
CA TYR B 264 24.09 -5.76 15.74
C TYR B 264 24.29 -6.53 14.45
N PHE B 265 23.77 -7.74 14.41
CA PHE B 265 23.98 -8.62 13.27
C PHE B 265 22.74 -9.44 13.02
N GLY B 266 22.50 -9.78 11.76
CA GLY B 266 21.33 -10.58 11.42
C GLY B 266 21.46 -12.01 11.92
N VAL B 267 20.61 -12.39 12.87
CA VAL B 267 20.63 -13.73 13.43
C VAL B 267 19.22 -14.19 13.69
N PRO B 268 18.99 -15.51 13.73
CA PRO B 268 17.64 -15.97 13.99
C PRO B 268 17.31 -15.77 15.47
N VAL B 269 16.12 -15.24 15.75
CA VAL B 269 15.68 -15.01 17.12
C VAL B 269 14.24 -15.45 17.29
N ILE B 270 13.77 -15.35 18.52
CA ILE B 270 12.36 -15.66 18.79
C ILE B 270 11.85 -14.28 19.16
N LEU B 271 10.85 -13.81 18.40
CA LEU B 271 10.31 -12.48 18.62
C LEU B 271 8.95 -12.53 19.33
N GLY B 272 8.83 -11.74 20.40
CA GLY B 272 7.60 -11.70 21.16
C GLY B 272 7.43 -10.39 21.89
N ALA B 273 6.47 -10.35 22.82
CA ALA B 273 6.21 -9.14 23.58
C ALA B 273 7.48 -8.57 24.17
N GLY B 274 8.42 -9.42 24.54
CA GLY B 274 9.66 -8.93 25.13
C GLY B 274 10.67 -8.43 24.11
N GLY B 275 10.33 -8.50 22.82
CA GLY B 275 11.25 -8.08 21.79
C GLY B 275 12.09 -9.30 21.44
N VAL B 276 13.40 -9.18 21.44
CA VAL B 276 14.23 -10.35 21.16
C VAL B 276 14.21 -11.18 22.43
N GLU B 277 13.45 -12.27 22.43
CA GLU B 277 13.33 -13.12 23.60
C GLU B 277 14.42 -14.17 23.73
N LYS B 278 14.99 -14.59 22.60
CA LYS B 278 16.10 -15.56 22.60
C LYS B 278 16.81 -15.56 21.25
N ILE B 279 18.14 -15.55 21.29
CA ILE B 279 18.96 -15.58 20.08
C ILE B 279 19.37 -17.02 19.80
N LEU B 280 18.86 -17.59 18.72
CA LEU B 280 19.18 -18.96 18.36
C LEU B 280 20.62 -19.07 17.83
N GLU B 281 21.27 -20.19 18.12
CA GLU B 281 22.65 -20.39 17.70
C GLU B 281 22.72 -21.65 16.86
N LEU B 282 22.63 -21.47 15.55
CA LEU B 282 22.64 -22.60 14.62
C LEU B 282 24.02 -23.24 14.50
N PRO B 283 24.06 -24.55 14.26
CA PRO B 283 25.33 -25.28 14.10
C PRO B 283 25.84 -25.10 12.67
N LEU B 284 26.32 -23.91 12.36
CA LEU B 284 26.80 -23.59 11.03
C LEU B 284 28.13 -24.28 10.70
N ASN B 285 28.21 -24.90 9.52
CA ASN B 285 29.45 -25.57 9.13
C ASN B 285 30.52 -24.57 8.74
N GLU B 286 31.65 -25.08 8.28
CA GLU B 286 32.80 -24.24 7.92
C GLU B 286 32.52 -23.24 6.81
N GLU B 287 31.88 -23.69 5.73
CA GLU B 287 31.55 -22.81 4.61
C GLU B 287 30.66 -21.67 5.10
N GLU B 288 29.53 -22.03 5.69
CA GLU B 288 28.58 -21.06 6.21
C GLU B 288 29.28 -20.05 7.13
N MET B 289 30.12 -20.54 8.03
CA MET B 289 30.84 -19.66 8.96
C MET B 289 31.79 -18.70 8.27
N ALA B 290 32.40 -19.16 7.17
CA ALA B 290 33.32 -18.29 6.43
C ALA B 290 32.49 -17.14 5.86
N LEU B 291 31.33 -17.48 5.32
CA LEU B 291 30.43 -16.47 4.77
C LEU B 291 30.01 -15.54 5.90
N LEU B 292 29.52 -16.11 6.99
CA LEU B 292 29.07 -15.34 8.15
C LEU B 292 30.15 -14.38 8.60
N ASN B 293 31.38 -14.88 8.75
CA ASN B 293 32.47 -14.02 9.19
C ASN B 293 32.76 -12.90 8.20
N ALA B 294 32.58 -13.17 6.92
CA ALA B 294 32.79 -12.15 5.89
C ALA B 294 31.81 -11.01 6.17
N SER B 295 30.54 -11.38 6.34
CA SER B 295 29.48 -10.41 6.62
C SER B 295 29.78 -9.65 7.89
N ALA B 296 30.21 -10.38 8.92
CA ALA B 296 30.54 -9.76 10.20
C ALA B 296 31.58 -8.66 10.03
N LYS B 297 32.60 -8.95 9.22
CA LYS B 297 33.65 -7.97 8.98
C LYS B 297 33.11 -6.74 8.28
N ALA B 298 32.19 -6.94 7.35
CA ALA B 298 31.58 -5.83 6.61
C ALA B 298 30.80 -4.93 7.59
N VAL B 299 29.98 -5.55 8.42
CA VAL B 299 29.19 -4.79 9.39
C VAL B 299 30.12 -4.02 10.31
N ARG B 300 31.12 -4.72 10.84
CA ARG B 300 32.08 -4.11 11.74
C ARG B 300 32.65 -2.85 11.10
N ALA B 301 32.92 -2.92 9.80
CA ALA B 301 33.45 -1.78 9.06
C ALA B 301 32.52 -0.57 9.16
N THR B 302 31.22 -0.79 8.94
CA THR B 302 30.28 0.32 9.03
C THR B 302 30.26 0.87 10.44
N LEU B 303 30.36 -0.01 11.45
CA LEU B 303 30.37 0.44 12.83
C LEU B 303 31.57 1.33 13.11
N ASP B 304 32.72 0.99 12.52
CA ASP B 304 33.93 1.78 12.69
C ASP B 304 33.72 3.13 12.01
N THR B 305 32.98 3.12 10.90
CA THR B 305 32.68 4.35 10.18
C THR B 305 31.73 5.15 11.08
N LEU B 306 30.71 4.46 11.55
CA LEU B 306 29.71 5.07 12.42
C LEU B 306 30.35 5.77 13.60
N LYS B 307 31.12 5.03 14.37
CA LYS B 307 31.77 5.56 15.56
C LYS B 307 32.70 6.76 15.31
N SER B 308 33.11 6.95 14.06
CA SER B 308 34.00 8.07 13.75
C SER B 308 33.24 9.28 13.23
N LEU B 309 31.93 9.14 13.12
CA LEU B 309 31.09 10.24 12.64
C LEU B 309 30.81 11.23 13.77
PA NAD C . 0.45 8.99 -10.80
O1A NAD C . 1.06 10.12 -11.48
O2A NAD C . 1.07 8.44 -9.52
O5B NAD C . 0.34 7.67 -11.70
C5B NAD C . -0.14 7.65 -13.09
C4B NAD C . 0.78 6.65 -13.78
O4B NAD C . 0.31 6.59 -15.19
C3B NAD C . 2.27 7.10 -13.92
O3B NAD C . 3.12 6.00 -13.32
C2B NAD C . 2.58 7.28 -15.37
O2B NAD C . 3.81 7.10 -15.86
C1B NAD C . 1.46 6.37 -15.96
N9A NAD C . 1.14 6.73 -17.33
C8A NAD C . 1.09 7.87 -18.07
N7A NAD C . 0.71 7.73 -19.34
C5A NAD C . 0.49 6.43 -19.50
C6A NAD C . 0.06 5.63 -20.69
N6A NAD C . -0.20 6.15 -21.86
N1A NAD C . -0.04 4.30 -20.40
C2A NAD C . 0.19 3.64 -19.25
N3A NAD C . 0.61 4.35 -18.10
C4A NAD C . 0.74 5.74 -18.28
O3 NAD C . -1.03 9.25 -10.45
PN NAD C . -2.11 8.77 -9.44
O1N NAD C . -1.96 9.56 -8.21
O2N NAD C . -1.97 7.28 -9.33
O5D NAD C . -3.59 9.11 -9.99
C5D NAD C . -3.92 8.37 -11.25
C4D NAD C . -5.07 9.07 -11.91
O4D NAD C . -6.35 8.72 -11.20
C3D NAD C . -5.10 10.64 -11.87
O3D NAD C . -5.62 11.15 -13.13
C2D NAD C . -6.00 11.02 -10.69
O2D NAD C . -6.53 12.32 -10.67
C1D NAD C . -7.08 9.92 -10.76
N1N NAD C . -7.84 9.50 -9.53
C2N NAD C . -9.18 9.22 -9.59
C3N NAD C . -9.83 8.83 -8.48
C7N NAD C . -11.31 8.51 -8.59
O7N NAD C . -11.91 8.20 -9.62
N7N NAD C . -11.98 8.57 -7.34
C4N NAD C . -9.17 8.69 -7.15
C5N NAD C . -7.78 9.02 -7.18
C6N NAD C . -7.09 9.41 -8.28
OXT FUM D . -10.79 11.85 -6.90
C FUM D . -10.43 11.94 -5.71
O FUM D . -11.22 12.07 -4.77
C4 FUM D . -8.97 11.90 -5.34
C5 FUM D . -8.22 12.64 -6.43
C6 FUM D . -8.19 14.15 -6.39
O7 FUM D . -8.77 14.77 -5.44
O8 FUM D . -7.61 14.69 -7.36
PA NAD E . 11.45 8.11 2.00
O1A NAD E . 12.37 9.16 1.59
O2A NAD E . 10.23 7.75 1.18
O5B NAD E . 10.82 8.40 3.47
C5B NAD E . 11.59 8.86 4.64
C4B NAD E . 10.67 9.85 5.34
O4B NAD E . 11.44 10.30 6.55
C3B NAD E . 10.41 11.20 4.58
O3B NAD E . 8.92 11.38 4.43
C2B NAD E . 11.02 12.32 5.36
O2B NAD E . 10.54 13.57 5.33
C1B NAD E . 11.05 11.63 6.77
N9A NAD E . 12.05 12.24 7.63
C8A NAD E . 13.30 12.76 7.48
N7A NAD E . 13.88 13.25 8.57
C5A NAD E . 13.00 13.05 9.55
C6A NAD E . 13.05 13.38 11.02
N6A NAD E . 14.07 13.96 11.59
N1A NAD E . 11.92 13.01 11.66
C2A NAD E . 10.81 12.42 11.18
N3A NAD E . 10.71 12.09 9.80
C4A NAD E . 11.83 12.43 9.03
O3 NAD E . 12.17 6.74 2.18
PN NAD E . 11.85 5.22 2.24
O1N NAD E . 11.87 4.60 0.90
O2N NAD E . 10.55 5.05 2.98
O5D NAD E . 13.05 4.45 3.04
C5D NAD E . 13.24 4.92 4.44
C4D NAD E . 14.56 4.40 4.95
O4D NAD E . 14.48 2.92 5.10
C3D NAD E . 15.83 4.57 4.04
O3D NAD E . 16.98 4.86 4.86
C2D NAD E . 16.02 3.24 3.28
O2D NAD E . 17.31 3.00 2.79
C1D NAD E . 15.59 2.24 4.38
N1N NAD E . 15.07 0.88 4.05
C2N NAD E . 15.50 -0.21 4.78
C3N NAD E . 15.01 -1.44 4.49
C7N NAD E . 15.47 -2.65 5.31
O7N NAD E . 15.28 -3.82 5.07
N7N NAD E . 16.19 -2.26 6.49
C4N NAD E . 14.02 -1.67 3.42
C5N NAD E . 13.64 -0.48 2.73
C6N NAD E . 14.10 0.75 2.98
OXT FUM F . 17.15 -2.71 1.93
C FUM F . 16.50 -3.20 1.00
O FUM F . 16.53 -4.42 0.69
C4 FUM F . 15.59 -2.32 0.14
C5 FUM F . 16.16 -0.90 0.21
C6 FUM F . 17.43 -0.58 -0.54
O7 FUM F . 17.99 -1.46 -1.21
O8 FUM F . 17.86 0.59 -0.38
NA NA G . 16.54 -29.71 6.88
#